data_3EO4
#
_entry.id   3EO4
#
_cell.length_a   129.374
_cell.length_b   96.871
_cell.length_c   83.212
_cell.angle_alpha   90.00
_cell.angle_beta   126.63
_cell.angle_gamma   90.00
#
_symmetry.space_group_name_H-M   'C 1 2 1'
#
loop_
_entity.id
_entity.type
_entity.pdbx_description
1 polymer 'Uncharacterized protein MJ1062'
2 non-polymer '2-(N-MORPHOLINO)-ETHANESULFONIC ACID'
3 non-polymer 1-(2-METHOXY-ETHOXY)-2-{2-[2-(2-METHOXY-ETHOXY]-ETHOXY}-ETHANE
4 non-polymer 1,2-ETHANEDIOL
5 water water
#
_entity_poly.entity_id   1
_entity_poly.type   'polypeptide(L)'
_entity_poly.pdbx_seq_one_letter_code
;SNANCKKIGEDSKIIIRQITDNDLELL(MSE)AWRSNPLIYKFFYIQKEPLKWEEHYSWW(MSE)SRENRVDWIILLREN
NTIRKVGSVNVSQLNTDNPEIGILIGEFFLWGKHIGRHSVSLVLKWLKNIGYKKAHARILENNIRSIKLFESLGFKKTKK
GRENEWIYEVNL
;
_entity_poly.pdbx_strand_id   A,B,C,D
#
loop_
_chem_comp.id
_chem_comp.type
_chem_comp.name
_chem_comp.formula
EDO non-polymer 1,2-ETHANEDIOL 'C2 H6 O2'
MES non-polymer '2-(N-MORPHOLINO)-ETHANESULFONIC ACID' 'C6 H13 N O4 S'
PG6 non-polymer 1-(2-METHOXY-ETHOXY)-2-{2-[2-(2-METHOXY-ETHOXY]-ETHOXY}-ETHANE 'C12 H26 O6'
#
# COMPACT_ATOMS: atom_id res chain seq x y z
N ALA A 3 11.14 -7.42 -33.14
CA ALA A 3 10.63 -6.03 -33.22
C ALA A 3 11.35 -5.15 -32.19
N ASN A 4 11.92 -4.04 -32.67
CA ASN A 4 12.67 -3.11 -31.82
C ASN A 4 12.53 -1.62 -32.18
N CYS A 5 12.86 -0.75 -31.23
CA CYS A 5 12.30 0.60 -31.15
C CYS A 5 13.25 1.59 -30.45
N LYS A 6 14.34 1.94 -31.13
CA LYS A 6 15.30 2.93 -30.65
C LYS A 6 14.63 4.20 -30.11
N LYS A 7 15.10 4.66 -28.95
CA LYS A 7 14.77 5.99 -28.40
C LYS A 7 15.73 6.44 -27.29
N SER A 12 19.63 4.35 -26.17
CA SER A 12 18.59 3.45 -25.65
C SER A 12 17.58 2.96 -26.70
N LYS A 13 17.04 1.78 -26.45
CA LYS A 13 16.29 1.05 -27.43
C LYS A 13 15.35 0.12 -26.71
N ILE A 14 14.14 0.02 -27.23
CA ILE A 14 13.14 -0.92 -26.76
C ILE A 14 13.04 -2.06 -27.76
N ILE A 15 13.13 -3.29 -27.26
CA ILE A 15 12.94 -4.50 -28.03
C ILE A 15 11.86 -5.31 -27.33
N ILE A 16 11.03 -6.01 -28.10
CA ILE A 16 10.11 -6.94 -27.52
C ILE A 16 10.41 -8.34 -28.07
N ARG A 17 10.36 -9.35 -27.21
CA ARG A 17 10.58 -10.74 -27.61
C ARG A 17 9.54 -11.61 -26.91
N GLN A 18 9.17 -12.73 -27.54
CA GLN A 18 8.13 -13.55 -26.91
C GLN A 18 8.56 -14.06 -25.55
N ILE A 19 7.57 -14.20 -24.69
CA ILE A 19 7.74 -14.71 -23.35
C ILE A 19 8.09 -16.17 -23.38
N THR A 20 8.59 -16.65 -22.27
CA THR A 20 9.11 -17.99 -22.07
C THR A 20 8.73 -18.44 -20.68
N ASP A 21 8.69 -19.75 -20.42
CA ASP A 21 8.43 -20.35 -19.10
CA ASP A 21 8.32 -20.23 -19.09
C ASP A 21 9.24 -19.69 -18.02
N ASN A 22 10.49 -19.38 -18.38
CA ASN A 22 11.46 -18.81 -17.45
C ASN A 22 11.11 -17.41 -16.95
N ASP A 23 10.24 -16.71 -17.68
CA ASP A 23 9.86 -15.32 -17.38
C ASP A 23 8.66 -15.27 -16.43
N LEU A 24 8.11 -16.44 -16.12
CA LEU A 24 6.80 -16.53 -15.47
C LEU A 24 6.78 -15.94 -14.07
N GLU A 25 7.85 -16.19 -13.32
CA GLU A 25 7.98 -15.71 -11.94
C GLU A 25 8.16 -14.20 -11.92
N LEU A 26 8.91 -13.67 -12.88
CA LEU A 26 9.12 -12.23 -12.96
C LEU A 26 7.80 -11.53 -13.33
N LEU A 27 7.13 -12.05 -14.35
CA LEU A 27 5.80 -11.58 -14.70
C LEU A 27 4.85 -11.64 -13.51
N MSE A 28 4.81 -12.77 -12.80
CA MSE A 28 3.94 -12.81 -11.60
C MSE A 28 4.37 -11.76 -10.56
O MSE A 28 3.53 -11.16 -9.92
CB MSE A 28 3.92 -14.19 -10.95
CG MSE A 28 2.96 -14.27 -9.79
SE MSE A 28 2.88 -16.08 -9.04
CE MSE A 28 4.79 -16.33 -8.75
N ALA A 29 5.66 -11.53 -10.40
CA ALA A 29 6.15 -10.57 -9.42
C ALA A 29 5.70 -9.13 -9.70
N TRP A 30 5.70 -8.76 -10.97
CA TRP A 30 5.13 -7.48 -11.37
C TRP A 30 3.62 -7.39 -11.10
N ARG A 31 2.86 -8.41 -11.48
CA ARG A 31 1.41 -8.39 -11.29
C ARG A 31 0.93 -8.52 -9.85
N SER A 32 1.83 -8.90 -8.95
CA SER A 32 1.51 -9.08 -7.54
C SER A 32 1.90 -7.84 -6.77
N ASN A 33 2.36 -6.81 -7.47
CA ASN A 33 2.68 -5.57 -6.82
C ASN A 33 1.42 -4.68 -6.75
N PRO A 34 0.93 -4.38 -5.52
CA PRO A 34 -0.25 -3.56 -5.27
C PRO A 34 -0.22 -2.20 -5.97
N LEU A 35 1.00 -1.70 -6.23
CA LEU A 35 1.22 -0.43 -6.91
C LEU A 35 0.86 -0.55 -8.40
N ILE A 36 0.83 -1.78 -8.86
CA ILE A 36 0.44 -2.11 -10.23
C ILE A 36 -0.98 -2.62 -10.28
N TYR A 37 -1.36 -3.54 -9.37
CA TYR A 37 -2.64 -4.19 -9.51
C TYR A 37 -3.80 -3.30 -9.05
N LYS A 38 -3.45 -2.12 -8.54
CA LYS A 38 -4.34 -0.96 -8.40
C LYS A 38 -5.14 -0.70 -9.67
N PHE A 39 -4.50 -0.98 -10.80
CA PHE A 39 -5.02 -0.67 -12.12
C PHE A 39 -5.71 -1.87 -12.81
N PHE A 40 -5.89 -2.99 -12.09
CA PHE A 40 -6.42 -4.22 -12.68
C PHE A 40 -7.82 -4.47 -12.13
N TYR A 41 -8.76 -4.75 -13.03
CA TYR A 41 -10.15 -5.03 -12.66
C TYR A 41 -10.22 -5.99 -11.45
N ILE A 42 -10.85 -5.49 -10.38
CA ILE A 42 -11.09 -6.20 -9.10
C ILE A 42 -9.93 -6.94 -8.36
N GLN A 43 -8.70 -6.91 -8.86
CA GLN A 43 -7.61 -7.57 -8.11
C GLN A 43 -7.39 -6.79 -6.81
N LYS A 44 -7.36 -7.50 -5.69
CA LYS A 44 -7.16 -6.89 -4.38
C LYS A 44 -6.06 -7.59 -3.61
N GLU A 45 -5.36 -8.52 -4.27
CA GLU A 45 -4.39 -9.40 -3.60
C GLU A 45 -3.28 -9.79 -4.55
N PRO A 46 -2.09 -10.15 -4.02
CA PRO A 46 -1.07 -10.71 -4.90
C PRO A 46 -1.58 -12.01 -5.54
N LEU A 47 -0.96 -12.43 -6.64
CA LEU A 47 -1.36 -13.66 -7.33
C LEU A 47 -0.88 -14.91 -6.62
N LYS A 48 -1.52 -16.04 -6.89
CA LYS A 48 -0.97 -17.32 -6.43
C LYS A 48 -0.39 -18.03 -7.66
N TRP A 49 0.73 -18.73 -7.48
CA TRP A 49 1.34 -19.48 -8.57
C TRP A 49 0.31 -20.36 -9.31
N GLU A 50 -0.50 -21.13 -8.57
CA GLU A 50 -1.47 -22.01 -9.24
C GLU A 50 -2.38 -21.25 -10.20
N GLU A 51 -2.85 -20.06 -9.82
CA GLU A 51 -3.66 -19.21 -10.70
C GLU A 51 -2.85 -18.68 -11.88
N HIS A 52 -1.66 -18.20 -11.58
CA HIS A 52 -0.78 -17.71 -12.61
C HIS A 52 -0.42 -18.79 -13.64
N TYR A 53 -0.13 -19.98 -13.15
CA TYR A 53 0.34 -21.06 -14.00
C TYR A 53 -0.81 -21.67 -14.79
N SER A 54 -1.99 -21.69 -14.17
CA SER A 54 -3.19 -22.14 -14.88
C SER A 54 -3.54 -21.17 -16.02
N TRP A 55 -3.33 -19.86 -15.81
CA TRP A 55 -3.43 -18.89 -16.91
C TRP A 55 -2.48 -19.28 -18.05
N TRP A 56 -1.24 -19.56 -17.70
CA TRP A 56 -0.18 -19.84 -18.66
C TRP A 56 -0.45 -21.08 -19.51
N MSE A 57 -0.92 -22.15 -18.86
CA MSE A 57 -1.31 -23.36 -19.56
C MSE A 57 -2.65 -23.20 -20.30
O MSE A 57 -3.00 -24.05 -21.11
CB MSE A 57 -1.38 -24.56 -18.59
CG MSE A 57 -0.06 -24.85 -17.86
SE MSE A 57 1.44 -25.31 -19.09
CE MSE A 57 0.88 -27.19 -19.45
N SER A 58 -3.39 -22.13 -20.00
CA SER A 58 -4.70 -21.91 -20.61
C SER A 58 -4.66 -21.01 -21.86
N ARG A 59 -3.53 -20.35 -22.11
CA ARG A 59 -3.48 -19.30 -23.12
C ARG A 59 -3.98 -19.78 -24.50
N GLU A 60 -4.85 -18.98 -25.13
CA GLU A 60 -5.28 -19.18 -26.51
C GLU A 60 -5.52 -17.83 -27.16
N ASN A 61 -5.29 -17.78 -28.47
CA ASN A 61 -5.58 -16.58 -29.29
C ASN A 61 -4.92 -15.33 -28.75
N ARG A 62 -3.73 -15.50 -28.17
CA ARG A 62 -2.97 -14.38 -27.64
C ARG A 62 -1.49 -14.60 -27.84
N VAL A 63 -0.75 -13.50 -27.79
CA VAL A 63 0.69 -13.52 -27.81
C VAL A 63 1.13 -12.61 -26.65
N ASP A 64 2.13 -13.04 -25.89
CA ASP A 64 2.72 -12.21 -24.85
C ASP A 64 4.19 -11.97 -25.11
N TRP A 65 4.63 -10.75 -24.92
CA TRP A 65 6.04 -10.40 -25.08
C TRP A 65 6.59 -9.87 -23.76
N ILE A 66 7.88 -10.04 -23.57
CA ILE A 66 8.64 -9.31 -22.58
C ILE A 66 9.21 -8.08 -23.29
N ILE A 67 9.18 -6.95 -22.60
CA ILE A 67 9.76 -5.70 -23.07
C ILE A 67 11.19 -5.58 -22.55
N LEU A 68 12.15 -5.43 -23.45
CA LEU A 68 13.52 -5.33 -23.10
C LEU A 68 13.98 -3.90 -23.29
N LEU A 69 14.72 -3.36 -22.33
CA LEU A 69 15.27 -2.02 -22.48
C LEU A 69 16.77 -2.17 -22.62
N ARG A 70 17.30 -1.60 -23.70
CA ARG A 70 18.72 -1.60 -23.94
C ARG A 70 19.24 -0.23 -23.53
N GLU A 71 20.19 -0.25 -22.62
CA GLU A 71 20.70 0.97 -22.05
C GLU A 71 22.15 0.71 -21.72
N ASN A 72 23.01 1.67 -22.06
CA ASN A 72 24.48 1.47 -22.03
C ASN A 72 24.82 0.21 -22.80
N ASN A 73 24.02 -0.02 -23.85
CA ASN A 73 24.18 -1.16 -24.73
C ASN A 73 23.97 -2.49 -24.04
N THR A 74 23.39 -2.48 -22.86
CA THR A 74 23.11 -3.70 -22.15
C THR A 74 21.60 -3.83 -21.94
N ILE A 75 21.06 -5.03 -22.19
CA ILE A 75 19.62 -5.18 -22.17
C ILE A 75 19.09 -5.75 -20.83
N ARG A 76 17.90 -5.33 -20.42
CA ARG A 76 17.23 -5.85 -19.22
C ARG A 76 15.72 -5.94 -19.43
N LYS A 77 15.04 -6.77 -18.64
CA LYS A 77 13.58 -6.96 -18.69
C LYS A 77 12.82 -5.95 -17.85
N VAL A 78 11.89 -5.22 -18.44
CA VAL A 78 11.30 -4.09 -17.75
C VAL A 78 9.79 -4.11 -17.72
N GLY A 79 9.17 -4.96 -18.55
CA GLY A 79 7.71 -5.05 -18.55
C GLY A 79 7.21 -6.14 -19.47
N SER A 80 5.90 -6.13 -19.72
CA SER A 80 5.31 -7.06 -20.64
C SER A 80 4.21 -6.39 -21.46
N VAL A 81 4.12 -6.80 -22.73
CA VAL A 81 3.07 -6.32 -23.63
C VAL A 81 2.45 -7.54 -24.31
N ASN A 82 1.15 -7.48 -24.57
CA ASN A 82 0.39 -8.65 -25.03
C ASN A 82 -0.80 -8.24 -25.90
N VAL A 83 -1.24 -9.16 -26.78
CA VAL A 83 -2.48 -9.03 -27.57
C VAL A 83 -3.27 -10.31 -27.41
N SER A 84 -4.56 -10.17 -27.21
CA SER A 84 -5.41 -11.32 -27.04
C SER A 84 -6.66 -11.11 -27.90
N GLN A 85 -7.53 -12.10 -27.97
CA GLN A 85 -8.70 -12.08 -28.85
C GLN A 85 -8.31 -11.96 -30.33
N LEU A 86 -7.24 -12.65 -30.72
CA LEU A 86 -6.70 -12.63 -32.10
C LEU A 86 -7.61 -13.34 -33.09
N ASN A 87 -8.57 -14.11 -32.56
CA ASN A 87 -9.58 -14.74 -33.39
C ASN A 87 -10.74 -13.82 -33.75
N THR A 88 -10.63 -12.53 -33.42
CA THR A 88 -11.64 -11.54 -33.75
C THR A 88 -10.99 -10.47 -34.62
N ASP A 89 -11.79 -9.60 -35.20
CA ASP A 89 -11.24 -8.53 -36.03
C ASP A 89 -10.75 -7.33 -35.23
N ASN A 90 -10.72 -7.46 -33.89
CA ASN A 90 -10.46 -6.32 -32.98
C ASN A 90 -9.79 -6.86 -31.70
N PRO A 91 -8.52 -7.24 -31.83
CA PRO A 91 -7.81 -7.79 -30.69
C PRO A 91 -7.57 -6.75 -29.59
N GLU A 92 -7.42 -7.27 -28.38
CA GLU A 92 -7.20 -6.48 -27.18
C GLU A 92 -5.70 -6.43 -26.83
N ILE A 93 -5.22 -5.21 -26.55
CA ILE A 93 -3.80 -5.00 -26.20
C ILE A 93 -3.70 -4.74 -24.70
N GLY A 94 -2.77 -5.44 -24.05
CA GLY A 94 -2.43 -5.20 -22.64
C GLY A 94 -0.97 -4.79 -22.48
N ILE A 95 -0.68 -3.93 -21.50
CA ILE A 95 0.69 -3.48 -21.30
C ILE A 95 0.93 -3.29 -19.80
N LEU A 96 2.16 -3.56 -19.36
CA LEU A 96 2.56 -3.40 -17.98
C LEU A 96 4.04 -3.10 -17.99
N ILE A 97 4.45 -1.98 -17.40
CA ILE A 97 5.86 -1.71 -17.16
C ILE A 97 6.09 -2.01 -15.68
N GLY A 98 6.94 -3.01 -15.42
CA GLY A 98 7.28 -3.45 -14.08
C GLY A 98 8.18 -2.53 -13.25
N GLU A 99 9.17 -1.85 -13.85
CA GLU A 99 10.01 -0.92 -13.08
C GLU A 99 9.27 0.38 -12.97
N PHE A 100 9.17 0.92 -11.76
CA PHE A 100 8.30 2.07 -11.46
C PHE A 100 8.82 3.44 -11.85
N PHE A 101 10.13 3.62 -11.81
CA PHE A 101 10.72 4.93 -12.11
C PHE A 101 11.09 5.05 -13.58
N LEU A 102 10.48 4.19 -14.40
CA LEU A 102 10.54 4.24 -15.85
C LEU A 102 9.24 4.80 -16.42
N TRP A 103 8.14 4.59 -15.69
CA TRP A 103 6.84 5.16 -16.01
C TRP A 103 6.99 6.62 -16.41
N GLY A 104 6.23 7.02 -17.43
CA GLY A 104 6.29 8.38 -17.95
C GLY A 104 7.49 8.65 -18.85
N LYS A 105 8.11 7.60 -19.42
CA LYS A 105 9.26 7.78 -20.34
C LYS A 105 9.06 7.16 -21.74
N HIS A 106 7.80 6.89 -22.08
CA HIS A 106 7.38 6.45 -23.42
C HIS A 106 7.68 4.99 -23.73
N ILE A 107 8.20 4.24 -22.77
CA ILE A 107 8.50 2.83 -23.01
C ILE A 107 7.24 2.06 -23.36
N GLY A 108 6.17 2.33 -22.60
CA GLY A 108 4.92 1.60 -22.85
C GLY A 108 4.36 1.97 -24.20
N ARG A 109 4.41 3.26 -24.50
CA ARG A 109 3.95 3.78 -25.77
C ARG A 109 4.65 3.10 -26.95
N HIS A 110 5.99 3.08 -26.93
CA HIS A 110 6.78 2.45 -27.99
C HIS A 110 6.52 0.96 -28.09
N SER A 111 6.33 0.30 -26.96
CA SER A 111 6.05 -1.15 -26.95
C SER A 111 4.72 -1.43 -27.62
N VAL A 112 3.69 -0.68 -27.23
CA VAL A 112 2.38 -0.85 -27.83
C VAL A 112 2.46 -0.59 -29.35
N SER A 113 3.15 0.47 -29.77
CA SER A 113 3.23 0.74 -31.19
C SER A 113 3.93 -0.38 -31.98
N LEU A 114 4.96 -1.00 -31.37
CA LEU A 114 5.55 -2.22 -31.94
C LEU A 114 4.49 -3.34 -32.18
N VAL A 115 3.63 -3.57 -31.21
CA VAL A 115 2.55 -4.56 -31.34
C VAL A 115 1.54 -4.15 -32.45
N LEU A 116 1.13 -2.88 -32.49
CA LEU A 116 0.25 -2.38 -33.55
C LEU A 116 0.81 -2.58 -34.94
N LYS A 117 2.12 -2.39 -35.10
CA LYS A 117 2.75 -2.58 -36.40
C LYS A 117 2.68 -4.06 -36.80
N TRP A 118 2.92 -4.95 -35.86
CA TRP A 118 2.89 -6.38 -36.13
C TRP A 118 1.47 -6.80 -36.52
N LEU A 119 0.48 -6.34 -35.78
CA LEU A 119 -0.95 -6.60 -36.10
C LEU A 119 -1.38 -6.14 -37.50
N LYS A 120 -1.03 -4.89 -37.80
CA LYS A 120 -1.30 -4.27 -39.09
C LYS A 120 -0.72 -5.07 -40.25
N ASN A 121 0.52 -5.52 -40.09
CA ASN A 121 1.24 -6.13 -41.19
C ASN A 121 0.67 -7.50 -41.60
N ILE A 122 0.03 -8.17 -40.64
CA ILE A 122 -0.68 -9.42 -40.92
C ILE A 122 -2.17 -9.27 -41.19
N GLY A 123 -2.64 -8.03 -41.27
CA GLY A 123 -3.95 -7.73 -41.79
C GLY A 123 -5.08 -7.39 -40.83
N TYR A 124 -4.79 -7.13 -39.55
CA TYR A 124 -5.78 -6.53 -38.67
C TYR A 124 -6.00 -5.09 -39.05
N LYS A 125 -7.21 -4.60 -38.85
CA LYS A 125 -7.58 -3.23 -39.20
C LYS A 125 -7.96 -2.42 -37.94
N LYS A 126 -8.25 -3.10 -36.82
CA LYS A 126 -8.57 -2.47 -35.53
C LYS A 126 -7.92 -3.19 -34.36
N ALA A 127 -7.84 -2.49 -33.22
CA ALA A 127 -7.35 -3.02 -31.95
C ALA A 127 -7.93 -2.17 -30.84
N HIS A 128 -7.99 -2.75 -29.63
CA HIS A 128 -8.52 -2.01 -28.49
C HIS A 128 -7.75 -2.28 -27.21
N ALA A 129 -8.03 -1.49 -26.18
CA ALA A 129 -7.46 -1.66 -24.84
C ALA A 129 -8.61 -1.49 -23.85
N ARG A 130 -8.59 -2.24 -22.75
CA ARG A 130 -9.57 -2.08 -21.66
C ARG A 130 -8.83 -1.38 -20.54
N ILE A 131 -9.36 -0.25 -20.07
CA ILE A 131 -8.64 0.57 -19.09
C ILE A 131 -9.54 1.00 -17.93
N LEU A 132 -9.03 0.82 -16.71
CA LEU A 132 -9.74 1.34 -15.54
C LEU A 132 -9.62 2.86 -15.48
N GLU A 133 -10.72 3.49 -15.09
CA GLU A 133 -10.85 4.92 -14.99
C GLU A 133 -9.70 5.59 -14.22
N ASN A 134 -9.13 4.88 -13.24
CA ASN A 134 -8.12 5.49 -12.37
C ASN A 134 -6.74 5.41 -12.99
N ASN A 135 -6.61 4.60 -14.05
CA ASN A 135 -5.32 4.38 -14.67
C ASN A 135 -4.97 5.51 -15.64
N ILE A 136 -4.62 6.68 -15.09
CA ILE A 136 -4.35 7.87 -15.89
C ILE A 136 -3.16 7.76 -16.86
N ARG A 137 -2.12 7.03 -16.47
CA ARG A 137 -0.93 6.89 -17.32
C ARG A 137 -1.24 6.01 -18.53
N SER A 138 -2.10 5.03 -18.31
CA SER A 138 -2.42 4.13 -19.38
C SER A 138 -3.37 4.81 -20.38
N ILE A 139 -4.33 5.56 -19.87
CA ILE A 139 -5.17 6.40 -20.73
C ILE A 139 -4.32 7.33 -21.61
N LYS A 140 -3.34 8.01 -21.01
CA LYS A 140 -2.45 8.90 -21.77
C LYS A 140 -1.63 8.18 -22.81
N LEU A 141 -1.13 7.00 -22.43
CA LEU A 141 -0.39 6.13 -23.35
C LEU A 141 -1.19 5.85 -24.63
N PHE A 142 -2.40 5.31 -24.49
CA PHE A 142 -3.17 4.85 -25.65
C PHE A 142 -3.74 6.01 -26.47
N GLU A 143 -4.20 7.07 -25.79
CA GLU A 143 -4.59 8.27 -26.49
C GLU A 143 -3.40 8.93 -27.24
N SER A 144 -2.18 8.80 -26.74
CA SER A 144 -1.05 9.36 -27.51
C SER A 144 -0.86 8.57 -28.83
N LEU A 145 -1.42 7.38 -28.90
CA LEU A 145 -1.35 6.57 -30.12
C LEU A 145 -2.64 6.62 -30.92
N GLY A 146 -3.52 7.56 -30.58
CA GLY A 146 -4.71 7.75 -31.37
C GLY A 146 -5.92 6.91 -30.97
N PHE A 147 -5.82 6.13 -29.90
CA PHE A 147 -6.99 5.40 -29.34
C PHE A 147 -8.02 6.40 -28.81
N LYS A 148 -9.29 6.00 -28.92
CA LYS A 148 -10.44 6.84 -28.61
C LYS A 148 -11.35 6.09 -27.69
N LYS A 149 -11.74 6.71 -26.58
CA LYS A 149 -12.73 6.12 -25.69
C LYS A 149 -13.98 5.84 -26.48
N THR A 150 -14.42 4.58 -26.47
CA THR A 150 -15.47 4.14 -27.39
C THR A 150 -16.74 3.64 -26.69
N LYS A 151 -16.58 3.00 -25.54
CA LYS A 151 -17.59 2.11 -25.00
C LYS A 151 -17.26 1.77 -23.54
N LYS A 152 -18.26 1.58 -22.70
CA LYS A 152 -18.03 1.05 -21.34
C LYS A 152 -17.51 -0.38 -21.42
N GLY A 153 -16.60 -0.73 -20.53
CA GLY A 153 -16.28 -2.14 -20.30
C GLY A 153 -17.14 -2.55 -19.11
N ARG A 154 -16.55 -3.28 -18.17
CA ARG A 154 -17.17 -3.54 -16.85
C ARG A 154 -17.08 -2.29 -15.97
N GLU A 155 -17.67 -2.34 -14.77
CA GLU A 155 -17.75 -1.16 -13.89
C GLU A 155 -16.41 -0.44 -13.82
N ASN A 156 -16.42 0.88 -13.91
CA ASN A 156 -15.19 1.72 -13.85
C ASN A 156 -14.12 1.40 -14.93
N GLU A 157 -14.52 0.67 -15.96
CA GLU A 157 -13.64 0.20 -17.03
C GLU A 157 -14.16 0.72 -18.40
N TRP A 158 -13.23 1.16 -19.25
CA TRP A 158 -13.56 1.74 -20.54
C TRP A 158 -12.79 1.07 -21.67
N ILE A 159 -13.46 0.91 -22.80
CA ILE A 159 -12.81 0.43 -24.01
C ILE A 159 -12.42 1.64 -24.85
N TYR A 160 -11.18 1.58 -25.34
CA TYR A 160 -10.56 2.57 -26.19
C TYR A 160 -10.14 1.83 -27.45
N GLU A 161 -10.48 2.35 -28.63
CA GLU A 161 -10.24 1.64 -29.89
C GLU A 161 -9.42 2.47 -30.84
N VAL A 162 -8.72 1.81 -31.74
CA VAL A 162 -7.95 2.50 -32.76
C VAL A 162 -8.09 1.76 -34.08
N ASN A 163 -8.07 2.51 -35.16
CA ASN A 163 -7.94 1.96 -36.52
C ASN A 163 -6.48 1.91 -36.84
N LEU A 164 -6.06 0.75 -37.35
CA LEU A 164 -4.67 0.45 -37.64
C LEU A 164 -4.22 1.03 -38.98
N LYS B 13 10.30 -30.06 -2.81
CA LYS B 13 11.76 -30.00 -2.50
C LYS B 13 12.38 -28.62 -2.82
N ILE B 14 13.25 -28.20 -1.93
CA ILE B 14 13.89 -26.92 -2.03
C ILE B 14 15.37 -27.10 -2.37
N ILE B 15 15.87 -26.24 -3.26
CA ILE B 15 17.26 -26.22 -3.71
C ILE B 15 17.61 -24.76 -3.76
N ILE B 16 18.84 -24.41 -3.40
CA ILE B 16 19.29 -23.02 -3.58
C ILE B 16 20.52 -23.01 -4.52
N ARG B 17 20.57 -22.04 -5.43
CA ARG B 17 21.66 -21.93 -6.38
C ARG B 17 22.06 -20.48 -6.40
N GLN B 18 23.31 -20.22 -6.77
CA GLN B 18 23.83 -18.84 -6.79
C GLN B 18 23.08 -17.97 -7.80
N ILE B 19 22.92 -16.71 -7.44
CA ILE B 19 22.25 -15.76 -8.27
C ILE B 19 23.10 -15.49 -9.51
N THR B 20 22.47 -15.17 -10.64
CA THR B 20 23.19 -14.59 -11.80
C THR B 20 22.58 -13.26 -12.21
N ASP B 21 23.32 -12.55 -13.06
CA ASP B 21 22.86 -11.38 -13.78
C ASP B 21 21.41 -11.49 -14.18
N ASN B 22 21.07 -12.64 -14.76
CA ASN B 22 19.74 -12.86 -15.32
C ASN B 22 18.61 -12.74 -14.30
N ASP B 23 18.93 -12.99 -13.03
CA ASP B 23 17.96 -12.94 -11.93
C ASP B 23 17.76 -11.51 -11.37
N LEU B 24 18.58 -10.56 -11.85
CA LEU B 24 18.59 -9.20 -11.26
C LEU B 24 17.21 -8.53 -11.25
N GLU B 25 16.48 -8.64 -12.37
CA GLU B 25 15.15 -8.01 -12.49
C GLU B 25 14.10 -8.63 -11.59
N LEU B 26 14.19 -9.95 -11.42
CA LEU B 26 13.23 -10.68 -10.58
C LEU B 26 13.49 -10.36 -9.12
N LEU B 27 14.76 -10.30 -8.77
CA LEU B 27 15.16 -9.87 -7.46
C LEU B 27 14.65 -8.43 -7.17
N MSE B 28 14.87 -7.51 -8.11
CA MSE B 28 14.35 -6.16 -7.95
C MSE B 28 12.82 -6.07 -7.81
O MSE B 28 12.31 -5.22 -7.07
CB MSE B 28 14.75 -5.27 -9.11
CG MSE B 28 14.36 -3.84 -8.95
SE MSE B 28 15.09 -2.71 -10.38
CE MSE B 28 14.12 -3.44 -11.81
N ALA B 29 12.08 -6.89 -8.55
CA ALA B 29 10.64 -6.82 -8.52
C ALA B 29 10.10 -7.31 -7.17
N TRP B 30 10.78 -8.28 -6.57
CA TRP B 30 10.41 -8.75 -5.23
C TRP B 30 10.64 -7.65 -4.16
N ARG B 31 11.81 -7.02 -4.27
CA ARG B 31 12.25 -5.98 -3.35
CA ARG B 31 12.22 -6.00 -3.33
C ARG B 31 11.50 -4.66 -3.56
N SER B 32 10.82 -4.53 -4.71
CA SER B 32 10.06 -3.32 -5.04
C SER B 32 8.57 -3.44 -4.70
N ASN B 33 8.17 -4.55 -4.10
CA ASN B 33 6.80 -4.76 -3.67
C ASN B 33 6.66 -4.21 -2.24
N PRO B 34 5.86 -3.15 -2.03
CA PRO B 34 5.61 -2.57 -0.69
C PRO B 34 5.17 -3.56 0.34
N LEU B 35 4.60 -4.70 -0.08
CA LEU B 35 4.09 -5.72 0.86
C LEU B 35 5.27 -6.39 1.51
N ILE B 36 6.45 -6.14 0.94
CA ILE B 36 7.66 -6.77 1.36
C ILE B 36 8.61 -5.73 1.89
N TYR B 37 8.83 -4.62 1.18
CA TYR B 37 9.76 -3.62 1.69
C TYR B 37 9.25 -2.83 2.94
N LYS B 38 7.98 -3.04 3.34
CA LYS B 38 7.53 -2.59 4.67
C LYS B 38 8.39 -3.19 5.82
N PHE B 39 9.15 -4.23 5.49
CA PHE B 39 9.98 -4.91 6.45
C PHE B 39 11.47 -4.58 6.30
N PHE B 40 11.82 -3.73 5.33
CA PHE B 40 13.23 -3.37 5.12
C PHE B 40 13.45 -2.00 5.71
N TYR B 41 14.61 -1.82 6.34
CA TYR B 41 14.98 -0.61 7.02
C TYR B 41 14.98 0.58 6.06
N ILE B 42 14.35 1.67 6.49
CA ILE B 42 14.14 2.91 5.69
C ILE B 42 13.60 2.85 4.23
N GLN B 43 13.46 1.67 3.60
CA GLN B 43 12.89 1.64 2.25
C GLN B 43 11.45 2.11 2.21
N LYS B 44 11.20 3.12 1.39
CA LYS B 44 9.87 3.71 1.30
C LYS B 44 9.29 3.66 -0.09
N GLU B 45 10.09 3.25 -1.07
CA GLU B 45 9.68 3.30 -2.47
C GLU B 45 10.14 2.03 -3.11
N PRO B 46 9.59 1.71 -4.27
CA PRO B 46 10.24 0.68 -5.09
C PRO B 46 11.68 1.08 -5.48
N LEU B 47 12.46 0.11 -5.89
CA LEU B 47 13.85 0.34 -6.29
C LEU B 47 13.95 0.98 -7.67
N LYS B 48 15.01 1.78 -7.88
CA LYS B 48 15.45 2.18 -9.22
C LYS B 48 16.53 1.21 -9.68
N TRP B 49 16.64 1.04 -10.99
CA TRP B 49 17.62 0.12 -11.55
C TRP B 49 19.08 0.51 -11.13
N GLU B 50 19.41 1.79 -11.20
CA GLU B 50 20.78 2.20 -10.88
CA GLU B 50 20.76 2.24 -10.88
C GLU B 50 21.18 1.89 -9.45
N GLU B 51 20.21 1.96 -8.52
CA GLU B 51 20.49 1.61 -7.13
C GLU B 51 20.61 0.10 -7.00
N HIS B 52 19.69 -0.62 -7.59
CA HIS B 52 19.75 -2.08 -7.61
C HIS B 52 21.05 -2.57 -8.25
N TYR B 53 21.45 -1.96 -9.37
CA TYR B 53 22.65 -2.41 -10.08
C TYR B 53 23.90 -2.06 -9.25
N SER B 54 23.85 -0.88 -8.64
CA SER B 54 24.97 -0.45 -7.82
C SER B 54 25.17 -1.38 -6.63
N TRP B 55 24.07 -1.88 -6.04
CA TRP B 55 24.13 -2.90 -5.00
C TRP B 55 24.82 -4.14 -5.55
N TRP B 56 24.38 -4.57 -6.72
CA TRP B 56 24.96 -5.73 -7.38
C TRP B 56 26.46 -5.57 -7.58
N MSE B 57 26.88 -4.39 -8.01
CA MSE B 57 28.31 -4.19 -8.32
C MSE B 57 29.16 -4.15 -7.07
O MSE B 57 30.31 -4.56 -7.08
CB MSE B 57 28.52 -2.89 -9.08
CG MSE B 57 28.01 -2.90 -10.49
SE MSE B 57 28.63 -1.29 -11.39
CE MSE B 57 27.52 0.01 -10.44
N SER B 58 28.58 -3.66 -5.97
CA SER B 58 29.33 -3.43 -4.74
C SER B 58 29.34 -4.60 -3.75
N ARG B 59 28.78 -5.75 -4.16
CA ARG B 59 28.75 -6.95 -3.34
C ARG B 59 30.17 -7.42 -3.00
N GLU B 60 30.45 -7.59 -1.71
CA GLU B 60 31.74 -8.12 -1.21
C GLU B 60 31.47 -8.93 0.04
N ASN B 61 32.25 -9.98 0.25
CA ASN B 61 32.14 -10.84 1.43
C ASN B 61 30.72 -11.34 1.61
N ARG B 62 30.12 -11.74 0.50
CA ARG B 62 28.77 -12.26 0.51
C ARG B 62 28.50 -13.30 -0.56
N VAL B 63 27.46 -14.07 -0.29
CA VAL B 63 26.89 -15.04 -1.23
C VAL B 63 25.36 -14.82 -1.24
N ASP B 64 24.81 -14.81 -2.45
CA ASP B 64 23.38 -14.67 -2.70
C ASP B 64 22.89 -15.85 -3.50
N TRP B 65 21.82 -16.49 -3.04
CA TRP B 65 21.25 -17.60 -3.74
C TRP B 65 19.81 -17.27 -4.19
N ILE B 66 19.35 -17.92 -5.27
CA ILE B 66 17.93 -18.00 -5.53
C ILE B 66 17.37 -19.32 -5.00
N ILE B 67 16.23 -19.22 -4.33
CA ILE B 67 15.50 -20.37 -3.86
C ILE B 67 14.61 -20.95 -4.97
N LEU B 68 14.80 -22.24 -5.23
CA LEU B 68 14.01 -23.00 -6.17
C LEU B 68 13.06 -23.96 -5.45
N LEU B 69 11.76 -23.89 -5.76
CA LEU B 69 10.77 -24.82 -5.25
C LEU B 69 10.34 -25.81 -6.35
N ARG B 70 10.44 -27.09 -6.05
CA ARG B 70 10.02 -28.12 -6.99
C ARG B 70 8.62 -28.60 -6.62
N GLU B 71 7.69 -28.53 -7.56
CA GLU B 71 6.38 -29.16 -7.35
C GLU B 71 5.63 -29.42 -8.64
N ASN B 72 5.14 -30.65 -8.74
CA ASN B 72 4.35 -31.14 -9.86
C ASN B 72 5.09 -31.07 -11.19
N ASN B 73 6.29 -31.64 -11.20
CA ASN B 73 7.21 -31.60 -12.36
C ASN B 73 7.48 -30.19 -12.89
N THR B 74 7.41 -29.20 -12.00
CA THR B 74 7.80 -27.82 -12.30
C THR B 74 8.80 -27.38 -11.24
N ILE B 75 9.77 -26.55 -11.63
CA ILE B 75 10.77 -25.99 -10.72
C ILE B 75 10.78 -24.46 -10.96
N ARG B 76 10.54 -23.69 -9.91
CA ARG B 76 10.42 -22.25 -10.07
C ARG B 76 11.19 -21.46 -9.04
N LYS B 77 11.50 -20.21 -9.39
CA LYS B 77 12.26 -19.30 -8.51
C LYS B 77 11.27 -18.61 -7.58
N VAL B 78 11.49 -18.79 -6.29
CA VAL B 78 10.49 -18.47 -5.29
C VAL B 78 11.00 -17.42 -4.29
N GLY B 79 12.31 -17.19 -4.23
CA GLY B 79 12.88 -16.22 -3.32
C GLY B 79 14.40 -16.15 -3.36
N SER B 80 14.95 -15.46 -2.37
CA SER B 80 16.39 -15.35 -2.29
C SER B 80 16.82 -15.49 -0.84
N VAL B 81 18.00 -16.06 -0.64
CA VAL B 81 18.61 -16.22 0.68
C VAL B 81 20.09 -15.83 0.53
N ASN B 82 20.64 -15.17 1.54
CA ASN B 82 22.02 -14.69 1.44
C ASN B 82 22.72 -14.69 2.78
N VAL B 83 24.05 -14.68 2.72
CA VAL B 83 24.91 -14.28 3.83
C VAL B 83 25.93 -13.28 3.37
N SER B 84 26.13 -12.29 4.23
CA SER B 84 27.13 -11.27 4.04
C SER B 84 27.98 -11.13 5.31
N GLN B 85 28.93 -10.19 5.30
CA GLN B 85 29.88 -10.04 6.40
C GLN B 85 30.69 -11.33 6.67
N LEU B 86 31.03 -12.03 5.58
CA LEU B 86 31.75 -13.29 5.69
C LEU B 86 33.21 -13.04 6.11
N ASN B 87 33.62 -11.77 6.10
CA ASN B 87 34.96 -11.44 6.58
C ASN B 87 34.92 -11.16 8.08
N THR B 88 33.82 -11.52 8.72
CA THR B 88 33.72 -11.42 10.18
C THR B 88 33.53 -12.81 10.80
N ASP B 89 33.51 -12.88 12.12
CA ASP B 89 33.23 -14.16 12.80
C ASP B 89 31.75 -14.34 13.06
N ASN B 90 30.94 -13.39 12.56
CA ASN B 90 29.50 -13.38 12.75
C ASN B 90 28.76 -12.87 11.48
N PRO B 91 28.75 -13.71 10.42
CA PRO B 91 28.10 -13.31 9.19
C PRO B 91 26.60 -13.06 9.34
N GLU B 92 26.06 -12.23 8.46
CA GLU B 92 24.64 -11.83 8.52
C GLU B 92 23.77 -12.63 7.52
N ILE B 93 22.66 -13.15 7.99
CA ILE B 93 21.71 -13.91 7.14
C ILE B 93 20.45 -13.12 6.76
N GLY B 94 20.20 -13.06 5.44
CA GLY B 94 19.04 -12.42 4.86
C GLY B 94 18.22 -13.47 4.14
N ILE B 95 16.90 -13.28 4.14
CA ILE B 95 15.95 -14.22 3.57
C ILE B 95 14.74 -13.42 3.08
N LEU B 96 14.35 -13.70 1.85
CA LEU B 96 13.24 -13.06 1.19
C LEU B 96 12.54 -14.15 0.41
N ILE B 97 11.28 -14.39 0.72
CA ILE B 97 10.50 -15.13 -0.22
C ILE B 97 9.46 -14.23 -0.96
N GLY B 98 9.58 -14.23 -2.30
CA GLY B 98 8.83 -13.33 -3.15
C GLY B 98 7.35 -13.68 -3.33
N GLU B 99 6.97 -14.93 -3.11
CA GLU B 99 5.58 -15.32 -3.27
C GLU B 99 4.85 -15.16 -1.97
N PHE B 100 3.93 -14.20 -1.93
CA PHE B 100 3.25 -13.82 -0.68
C PHE B 100 2.41 -14.99 -0.13
N PHE B 101 1.86 -15.82 -1.00
CA PHE B 101 1.03 -16.91 -0.48
C PHE B 101 1.82 -18.17 -0.15
N LEU B 102 3.15 -18.10 -0.27
CA LEU B 102 3.99 -19.16 0.25
C LEU B 102 4.39 -18.94 1.70
N TRP B 103 4.25 -17.71 2.20
CA TRP B 103 4.62 -17.37 3.58
C TRP B 103 3.85 -18.25 4.54
N GLY B 104 4.50 -18.62 5.64
CA GLY B 104 3.96 -19.61 6.60
C GLY B 104 4.10 -21.07 6.19
N LYS B 105 4.81 -21.35 5.10
CA LYS B 105 4.95 -22.74 4.65
C LYS B 105 6.37 -23.29 4.83
N HIS B 106 7.13 -22.65 5.72
CA HIS B 106 8.48 -23.10 6.09
C HIS B 106 9.56 -23.11 5.00
N ILE B 107 9.26 -22.49 3.87
CA ILE B 107 10.24 -22.38 2.81
C ILE B 107 11.43 -21.51 3.24
N GLY B 108 11.15 -20.38 3.90
CA GLY B 108 12.20 -19.50 4.41
C GLY B 108 13.10 -20.18 5.43
N ARG B 109 12.46 -20.82 6.42
CA ARG B 109 13.16 -21.64 7.41
C ARG B 109 14.10 -22.69 6.81
N HIS B 110 13.61 -23.49 5.87
CA HIS B 110 14.41 -24.54 5.29
C HIS B 110 15.60 -23.94 4.53
N SER B 111 15.37 -22.83 3.83
CA SER B 111 16.43 -22.17 3.06
C SER B 111 17.54 -21.61 3.95
N VAL B 112 17.16 -20.94 5.03
CA VAL B 112 18.11 -20.43 5.97
C VAL B 112 18.91 -21.59 6.58
N SER B 113 18.24 -22.70 6.89
CA SER B 113 18.97 -23.80 7.51
C SER B 113 19.98 -24.40 6.55
N LEU B 114 19.71 -24.32 5.25
CA LEU B 114 20.70 -24.75 4.27
C LEU B 114 21.96 -23.87 4.36
N VAL B 115 21.77 -22.56 4.57
CA VAL B 115 22.92 -21.65 4.58
C VAL B 115 23.63 -21.79 5.93
N LEU B 116 22.88 -22.03 7.00
CA LEU B 116 23.45 -22.24 8.33
C LEU B 116 24.37 -23.48 8.37
N LYS B 117 23.92 -24.54 7.73
CA LYS B 117 24.67 -25.78 7.65
C LYS B 117 26.00 -25.54 6.89
N TRP B 118 25.92 -24.76 5.83
CA TRP B 118 27.07 -24.39 5.02
C TRP B 118 28.04 -23.58 5.88
N LEU B 119 27.52 -22.56 6.58
CA LEU B 119 28.33 -21.71 7.44
C LEU B 119 29.07 -22.49 8.53
N LYS B 120 28.35 -23.39 9.18
CA LYS B 120 28.89 -24.24 10.22
C LYS B 120 30.01 -25.09 9.67
N ASN B 121 29.73 -25.75 8.56
CA ASN B 121 30.66 -26.63 7.89
C ASN B 121 31.93 -25.94 7.39
N ILE B 122 31.83 -24.69 6.95
CA ILE B 122 33.04 -23.97 6.54
C ILE B 122 33.76 -23.30 7.72
N GLY B 123 33.27 -23.48 8.95
CA GLY B 123 34.04 -23.07 10.14
C GLY B 123 33.53 -21.90 10.96
N TYR B 124 32.44 -21.29 10.54
CA TYR B 124 31.92 -20.18 11.34
C TYR B 124 31.28 -20.70 12.61
N LYS B 125 31.35 -19.90 13.65
CA LYS B 125 30.87 -20.30 14.95
C LYS B 125 29.54 -19.65 15.32
N LYS B 126 29.23 -18.51 14.69
CA LYS B 126 28.02 -17.75 14.99
C LYS B 126 27.47 -17.22 13.69
N ALA B 127 26.24 -16.76 13.74
CA ALA B 127 25.59 -16.10 12.64
C ALA B 127 24.51 -15.25 13.24
N HIS B 128 24.10 -14.21 12.53
CA HIS B 128 23.02 -13.34 13.01
C HIS B 128 22.09 -12.87 11.90
N ALA B 129 20.97 -12.26 12.31
CA ALA B 129 20.06 -11.61 11.40
C ALA B 129 19.62 -10.27 11.98
N ARG B 130 19.40 -9.30 11.09
CA ARG B 130 18.83 -7.99 11.44
C ARG B 130 17.37 -8.04 11.08
N ILE B 131 16.49 -7.72 12.01
CA ILE B 131 15.06 -7.83 11.75
C ILE B 131 14.37 -6.63 12.36
N LEU B 132 13.39 -6.10 11.62
CA LEU B 132 12.57 -4.98 12.07
C LEU B 132 11.49 -5.46 13.04
N GLU B 133 11.19 -4.64 14.03
CA GLU B 133 10.25 -4.98 15.10
CA GLU B 133 10.27 -5.02 15.10
C GLU B 133 8.89 -5.44 14.59
N ASN B 134 8.51 -4.98 13.41
CA ASN B 134 7.21 -5.31 12.86
C ASN B 134 7.23 -6.63 12.08
N ASN B 135 8.43 -7.10 11.71
CA ASN B 135 8.58 -8.28 10.88
C ASN B 135 8.42 -9.61 11.65
N ILE B 136 7.19 -9.83 12.12
CA ILE B 136 6.86 -10.99 12.97
C ILE B 136 7.18 -12.35 12.37
N ARG B 137 6.88 -12.54 11.08
CA ARG B 137 7.19 -13.79 10.40
C ARG B 137 8.69 -14.10 10.42
N SER B 138 9.52 -13.10 10.12
CA SER B 138 10.99 -13.30 10.22
C SER B 138 11.48 -13.64 11.61
N ILE B 139 10.92 -12.94 12.59
CA ILE B 139 11.19 -13.24 14.00
C ILE B 139 10.88 -14.71 14.32
N LYS B 140 9.64 -15.14 14.02
CA LYS B 140 9.24 -16.56 14.21
C LYS B 140 10.17 -17.52 13.48
N LEU B 141 10.60 -17.12 12.29
CA LEU B 141 11.46 -17.96 11.46
C LEU B 141 12.81 -18.18 12.14
N PHE B 142 13.47 -17.08 12.49
CA PHE B 142 14.79 -17.20 13.11
C PHE B 142 14.71 -17.82 14.49
N GLU B 143 13.70 -17.45 15.29
CA GLU B 143 13.53 -18.07 16.58
C GLU B 143 13.22 -19.58 16.47
N SER B 144 12.48 -20.02 15.45
CA SER B 144 12.29 -21.47 15.26
C SER B 144 13.65 -22.20 15.00
N LEU B 145 14.67 -21.47 14.56
CA LEU B 145 16.01 -22.04 14.34
C LEU B 145 16.94 -21.76 15.52
N GLY B 146 16.38 -21.38 16.67
CA GLY B 146 17.19 -21.17 17.85
C GLY B 146 17.87 -19.81 17.99
N PHE B 147 17.71 -18.90 17.03
CA PHE B 147 18.28 -17.53 17.18
C PHE B 147 17.67 -16.82 18.38
N LYS B 148 18.42 -15.91 19.00
CA LYS B 148 17.79 -15.13 20.08
C LYS B 148 18.14 -13.67 19.96
N LYS B 149 17.20 -12.82 20.32
CA LYS B 149 17.42 -11.37 20.36
C LYS B 149 18.57 -11.04 21.30
N THR B 150 19.70 -10.55 20.78
CA THR B 150 20.81 -10.22 21.64
C THR B 150 21.19 -8.75 21.71
N LYS B 151 20.83 -7.98 20.70
CA LYS B 151 21.33 -6.62 20.58
C LYS B 151 20.38 -5.71 19.80
N LYS B 152 20.39 -4.42 20.08
CA LYS B 152 19.61 -3.52 19.22
C LYS B 152 20.42 -3.15 17.96
N GLY B 153 19.73 -2.97 16.84
CA GLY B 153 20.39 -2.64 15.59
C GLY B 153 20.24 -1.15 15.42
N ARG B 154 19.83 -0.73 14.22
CA ARG B 154 19.42 0.66 14.03
C ARG B 154 18.00 0.82 14.58
N GLU B 155 17.37 1.97 14.37
CA GLU B 155 16.05 2.20 14.97
C GLU B 155 14.99 1.18 14.54
N ASN B 156 14.27 0.67 15.53
CA ASN B 156 13.24 -0.37 15.39
C ASN B 156 13.79 -1.67 14.79
N GLU B 157 15.11 -1.82 14.83
CA GLU B 157 15.79 -3.02 14.35
C GLU B 157 16.52 -3.76 15.49
N TRP B 158 16.51 -5.08 15.45
CA TRP B 158 17.14 -5.90 16.48
C TRP B 158 18.02 -7.00 15.86
N ILE B 159 19.09 -7.31 16.56
CA ILE B 159 19.99 -8.35 16.08
C ILE B 159 19.68 -9.63 16.82
N TYR B 160 19.42 -10.67 16.04
CA TYR B 160 19.18 -12.02 16.54
C TYR B 160 20.38 -12.88 16.22
N GLU B 161 20.87 -13.62 17.22
CA GLU B 161 22.08 -14.41 17.04
C GLU B 161 21.89 -15.88 17.38
N VAL B 162 22.66 -16.72 16.69
CA VAL B 162 22.71 -18.15 16.96
C VAL B 162 24.17 -18.65 17.11
N ASN B 163 24.33 -19.67 17.93
CA ASN B 163 25.57 -20.44 17.95
C ASN B 163 25.46 -21.57 16.94
N LEU B 164 26.45 -21.67 16.05
CA LEU B 164 26.50 -22.76 15.10
C LEU B 164 27.19 -23.95 15.77
N ASP C 11 -17.28 30.31 -0.99
CA ASP C 11 -15.93 30.68 -0.49
C ASP C 11 -14.94 29.64 -0.95
N SER C 12 -13.67 30.02 -1.03
CA SER C 12 -12.57 29.07 -0.81
C SER C 12 -11.49 29.78 -0.01
N LYS C 13 -11.30 29.30 1.22
CA LYS C 13 -10.48 29.99 2.21
C LYS C 13 -9.93 28.99 3.22
N ILE C 14 -8.71 29.25 3.70
CA ILE C 14 -8.03 28.39 4.63
C ILE C 14 -7.90 29.03 6.01
N ILE C 15 -8.13 28.22 7.05
CA ILE C 15 -8.12 28.66 8.45
C ILE C 15 -7.34 27.67 9.31
N ILE C 16 -6.40 28.14 10.13
CA ILE C 16 -5.74 27.25 11.09
C ILE C 16 -6.23 27.52 12.54
N ARG C 17 -6.54 26.46 13.27
CA ARG C 17 -6.82 26.59 14.69
C ARG C 17 -6.09 25.48 15.41
N GLN C 18 -5.76 25.71 16.67
CA GLN C 18 -5.03 24.72 17.47
C GLN C 18 -5.85 23.45 17.69
N ILE C 19 -5.16 22.32 17.62
CA ILE C 19 -5.80 21.03 17.76
C ILE C 19 -6.43 20.90 19.15
N THR C 20 -7.49 20.12 19.24
CA THR C 20 -7.95 19.73 20.55
C THR C 20 -7.88 18.23 20.65
N ASP C 21 -7.88 17.78 21.89
CA ASP C 21 -8.51 16.54 22.29
C ASP C 21 -9.31 15.84 21.20
N ASN C 22 -10.36 16.50 20.71
CA ASN C 22 -11.35 15.88 19.84
C ASN C 22 -10.84 15.49 18.45
N ASP C 23 -9.68 16.04 18.09
CA ASP C 23 -9.09 15.85 16.76
C ASP C 23 -8.13 14.67 16.70
N LEU C 24 -7.92 14.01 17.83
CA LEU C 24 -6.83 13.05 17.89
C LEU C 24 -7.07 11.86 16.99
N GLU C 25 -8.31 11.33 17.00
CA GLU C 25 -8.62 10.17 16.15
C GLU C 25 -8.42 10.48 14.67
N LEU C 26 -8.80 11.70 14.30
CA LEU C 26 -8.67 12.08 12.91
C LEU C 26 -7.19 12.17 12.52
N LEU C 27 -6.40 12.77 13.39
CA LEU C 27 -4.96 12.94 13.13
C LEU C 27 -4.29 11.56 13.06
N MSE C 28 -4.72 10.66 13.95
CA MSE C 28 -4.20 9.33 13.91
C MSE C 28 -4.55 8.61 12.59
O MSE C 28 -3.69 7.89 12.01
CB MSE C 28 -4.66 8.51 15.10
CG MSE C 28 -3.99 7.17 15.20
SE MSE C 28 -4.57 6.14 16.72
CE MSE C 28 -6.44 6.45 16.64
N ALA C 29 -5.77 8.86 12.10
CA ALA C 29 -6.26 8.18 10.90
C ALA C 29 -5.47 8.68 9.67
N TRP C 30 -5.16 9.97 9.63
CA TRP C 30 -4.31 10.48 8.57
C TRP C 30 -2.93 9.79 8.65
N ARG C 31 -2.33 9.80 9.84
CA ARG C 31 -0.99 9.27 10.07
C ARG C 31 -0.87 7.74 9.99
N SER C 32 -2.01 7.05 10.04
CA SER C 32 -2.07 5.60 9.88
C SER C 32 -2.27 5.16 8.42
N ASN C 33 -2.49 6.10 7.53
CA ASN C 33 -2.57 5.81 6.12
C ASN C 33 -1.16 5.60 5.47
N PRO C 34 -0.85 4.37 5.00
CA PRO C 34 0.46 4.13 4.31
C PRO C 34 0.73 5.08 3.15
N LEU C 35 -0.30 5.60 2.51
CA LEU C 35 -0.15 6.61 1.46
C LEU C 35 0.51 7.90 1.99
N ILE C 36 0.33 8.14 3.28
CA ILE C 36 0.92 9.27 3.95
C ILE C 36 2.21 8.89 4.69
N TYR C 37 2.18 7.80 5.47
CA TYR C 37 3.34 7.48 6.27
C TYR C 37 4.58 6.95 5.52
N LYS C 38 4.39 6.59 4.25
CA LYS C 38 5.53 6.38 3.35
C LYS C 38 6.46 7.62 3.35
N PHE C 39 5.95 8.75 3.85
CA PHE C 39 6.73 10.01 3.92
C PHE C 39 7.32 10.35 5.30
N PHE C 40 7.11 9.48 6.28
CA PHE C 40 7.57 9.69 7.65
C PHE C 40 8.77 8.80 7.91
N TYR C 41 9.80 9.40 8.48
CA TYR C 41 11.10 8.79 8.69
C TYR C 41 11.15 7.28 8.93
N ILE C 42 10.65 6.80 10.04
CA ILE C 42 10.90 5.40 10.33
C ILE C 42 9.65 4.50 10.12
N GLN C 43 8.48 5.14 10.03
CA GLN C 43 7.18 4.45 10.17
C GLN C 43 6.87 3.43 9.09
N LYS C 44 6.43 2.24 9.51
CA LYS C 44 6.18 1.13 8.58
C LYS C 44 4.82 0.52 8.83
N GLU C 45 4.12 1.08 9.81
CA GLU C 45 2.89 0.49 10.28
C GLU C 45 1.96 1.61 10.66
N PRO C 46 0.66 1.33 10.63
CA PRO C 46 -0.26 2.29 11.22
C PRO C 46 0.00 2.45 12.73
N LEU C 47 -0.41 3.58 13.28
CA LEU C 47 -0.19 3.89 14.69
C LEU C 47 -1.11 3.12 15.62
N LYS C 48 -0.69 2.97 16.88
CA LYS C 48 -1.53 2.43 17.94
C LYS C 48 -1.92 3.57 18.88
N TRP C 49 -3.08 3.44 19.51
CA TRP C 49 -3.65 4.54 20.28
C TRP C 49 -2.73 4.97 21.44
N GLU C 50 -2.24 3.97 22.17
CA GLU C 50 -1.35 4.19 23.30
C GLU C 50 -0.16 5.05 22.92
N GLU C 51 0.51 4.74 21.82
CA GLU C 51 1.61 5.60 21.35
C GLU C 51 1.15 7.02 21.02
N HIS C 52 0.06 7.09 20.25
CA HIS C 52 -0.47 8.37 19.75
C HIS C 52 -0.95 9.24 20.92
N TYR C 53 -1.69 8.65 21.86
CA TYR C 53 -2.19 9.42 22.99
C TYR C 53 -1.04 9.89 23.88
N SER C 54 0.03 9.10 23.87
CA SER C 54 1.26 9.37 24.59
C SER C 54 2.00 10.57 24.02
N TRP C 55 2.15 10.57 22.69
CA TRP C 55 2.70 11.72 21.95
C TRP C 55 1.91 12.97 22.30
N TRP C 56 0.58 12.83 22.37
CA TRP C 56 -0.28 13.95 22.67
C TRP C 56 0.05 14.58 24.04
N MSE C 57 0.17 13.74 25.06
CA MSE C 57 0.36 14.24 26.42
C MSE C 57 1.77 14.67 26.71
O MSE C 57 2.02 15.42 27.66
CB MSE C 57 -0.10 13.20 27.44
CG MSE C 57 -1.51 13.42 27.87
SE MSE C 57 -2.23 11.85 28.74
CE MSE C 57 -1.39 10.44 27.64
N SER C 58 2.69 14.22 25.87
CA SER C 58 4.11 14.46 26.05
C SER C 58 4.65 15.59 25.18
N ARG C 59 3.74 16.41 24.65
CA ARG C 59 4.11 17.53 23.80
C ARG C 59 4.73 18.65 24.62
N GLU C 60 5.77 19.28 24.07
CA GLU C 60 6.47 20.40 24.72
C GLU C 60 7.35 21.14 23.68
N ASN C 61 7.44 22.46 23.82
CA ASN C 61 8.09 23.35 22.84
C ASN C 61 7.50 23.21 21.42
N ARG C 62 6.19 23.01 21.35
CA ARG C 62 5.49 22.81 20.09
C ARG C 62 4.05 23.28 20.07
N VAL C 63 3.54 23.49 18.86
CA VAL C 63 2.17 23.91 18.63
C VAL C 63 1.69 23.14 17.42
N ASP C 64 0.49 22.56 17.53
CA ASP C 64 -0.14 21.87 16.42
C ASP C 64 -1.46 22.54 16.05
N TRP C 65 -1.67 22.74 14.74
CA TRP C 65 -2.92 23.28 14.26
C TRP C 65 -3.60 22.26 13.39
N ILE C 66 -4.93 22.36 13.35
CA ILE C 66 -5.69 21.73 12.30
C ILE C 66 -5.85 22.75 11.21
N ILE C 67 -5.74 22.26 9.98
CA ILE C 67 -6.01 23.06 8.80
C ILE C 67 -7.47 22.84 8.41
N LEU C 68 -8.19 23.94 8.31
CA LEU C 68 -9.59 23.92 7.94
C LEU C 68 -9.70 24.53 6.54
N LEU C 69 -10.53 23.91 5.71
CA LEU C 69 -10.88 24.45 4.42
C LEU C 69 -12.36 24.91 4.41
N ARG C 70 -12.58 26.16 4.02
CA ARG C 70 -13.96 26.69 3.96
C ARG C 70 -14.44 26.89 2.53
N GLU C 71 -15.58 26.29 2.18
CA GLU C 71 -16.14 26.44 0.84
C GLU C 71 -17.65 26.47 0.86
N ASN C 72 -18.23 27.59 0.42
CA ASN C 72 -19.67 27.66 0.30
C ASN C 72 -20.30 27.33 1.64
N ASN C 73 -19.81 28.03 2.67
CA ASN C 73 -20.30 27.95 4.05
C ASN C 73 -20.09 26.61 4.80
N THR C 74 -19.49 25.62 4.14
CA THR C 74 -19.17 24.38 4.84
C THR C 74 -17.68 24.38 5.15
N ILE C 75 -17.31 24.04 6.39
CA ILE C 75 -15.90 23.99 6.73
C ILE C 75 -15.49 22.58 7.18
N ARG C 76 -14.35 22.10 6.72
CA ARG C 76 -13.98 20.75 7.12
C ARG C 76 -12.51 20.70 7.44
N LYS C 77 -12.13 19.69 8.22
CA LYS C 77 -10.73 19.52 8.58
C LYS C 77 -10.06 18.72 7.51
N VAL C 78 -8.95 19.25 7.00
CA VAL C 78 -8.30 18.63 5.85
C VAL C 78 -6.83 18.31 6.11
N GLY C 79 -6.29 18.82 7.21
CA GLY C 79 -4.87 18.63 7.46
C GLY C 79 -4.44 19.11 8.83
N SER C 80 -3.13 19.02 9.06
CA SER C 80 -2.47 19.53 10.25
C SER C 80 -1.12 20.21 9.89
N VAL C 81 -0.86 21.35 10.50
CA VAL C 81 0.45 22.00 10.40
C VAL C 81 0.97 22.16 11.84
N ASN C 82 2.27 21.98 12.03
CA ASN C 82 2.88 22.12 13.35
C ASN C 82 4.29 22.74 13.32
N VAL C 83 4.66 23.36 14.44
CA VAL C 83 6.02 23.84 14.71
C VAL C 83 6.51 23.19 16.02
N SER C 84 7.71 22.64 16.00
CA SER C 84 8.30 22.09 17.21
C SER C 84 9.70 22.67 17.46
N GLN C 85 10.24 22.43 18.66
CA GLN C 85 11.59 22.87 19.03
C GLN C 85 11.68 24.39 19.13
N LEU C 86 10.61 24.99 19.64
CA LEU C 86 10.44 26.44 19.76
C LEU C 86 11.37 27.05 20.81
N ASN C 87 12.09 26.20 21.52
CA ASN C 87 13.00 26.63 22.55
C ASN C 87 14.40 26.76 21.97
N THR C 88 14.46 26.72 20.64
CA THR C 88 15.72 26.89 19.94
C THR C 88 15.63 28.08 18.99
N ASP C 89 16.78 28.41 18.41
CA ASP C 89 16.94 29.45 17.41
C ASP C 89 16.39 29.05 16.03
N ASN C 90 15.89 27.82 15.89
CA ASN C 90 15.58 27.30 14.56
C ASN C 90 14.47 26.24 14.61
N PRO C 91 13.22 26.69 14.76
CA PRO C 91 12.08 25.78 14.91
C PRO C 91 11.86 24.93 13.67
N GLU C 92 11.31 23.73 13.90
CA GLU C 92 11.02 22.75 12.85
C GLU C 92 9.54 22.78 12.45
N ILE C 93 9.27 22.95 11.16
CA ILE C 93 7.89 22.95 10.69
C ILE C 93 7.51 21.62 10.04
N GLY C 94 6.39 21.06 10.49
CA GLY C 94 5.83 19.85 9.90
C GLY C 94 4.47 20.14 9.28
N ILE C 95 4.18 19.47 8.18
CA ILE C 95 2.93 19.68 7.47
C ILE C 95 2.35 18.37 6.96
N LEU C 96 1.04 18.21 7.13
CA LEU C 96 0.30 17.07 6.62
C LEU C 96 -1.09 17.51 6.09
N ILE C 97 -1.37 17.18 4.82
CA ILE C 97 -2.70 17.29 4.25
C ILE C 97 -3.26 15.87 4.11
N GLY C 98 -4.34 15.59 4.84
CA GLY C 98 -4.87 14.23 4.97
C GLY C 98 -5.78 13.84 3.83
N GLU C 99 -6.33 14.82 3.15
CA GLU C 99 -7.25 14.59 2.05
C GLU C 99 -6.40 14.55 0.78
N PHE C 100 -6.57 13.49 -0.01
CA PHE C 100 -5.60 13.14 -1.06
C PHE C 100 -5.66 13.88 -2.35
N PHE C 101 -6.87 14.20 -2.76
CA PHE C 101 -7.09 14.86 -4.01
C PHE C 101 -7.07 16.39 -3.83
N LEU C 102 -6.59 16.84 -2.68
CA LEU C 102 -6.27 18.24 -2.47
C LEU C 102 -4.78 18.48 -2.75
N TRP C 103 -4.00 17.39 -2.77
CA TRP C 103 -2.59 17.52 -3.07
C TRP C 103 -2.41 18.21 -4.43
N GLY C 104 -1.51 19.18 -4.45
CA GLY C 104 -1.23 19.95 -5.66
C GLY C 104 -2.00 21.26 -5.75
N LYS C 105 -2.94 21.48 -4.83
CA LYS C 105 -3.80 22.68 -4.86
C LYS C 105 -3.40 23.78 -3.85
N HIS C 106 -2.12 23.81 -3.48
CA HIS C 106 -1.52 24.84 -2.59
C HIS C 106 -2.03 25.05 -1.14
N ILE C 107 -2.83 24.13 -0.60
CA ILE C 107 -3.29 24.24 0.80
C ILE C 107 -2.11 24.16 1.76
N GLY C 108 -1.18 23.24 1.47
CA GLY C 108 0.00 23.05 2.27
C GLY C 108 0.83 24.32 2.30
N ARG C 109 1.08 24.86 1.13
CA ARG C 109 1.86 26.09 1.00
C ARG C 109 1.26 27.22 1.85
N HIS C 110 -0.05 27.46 1.70
CA HIS C 110 -0.72 28.52 2.46
C HIS C 110 -0.62 28.36 3.98
N SER C 111 -0.91 27.14 4.44
CA SER C 111 -0.84 26.79 5.86
C SER C 111 0.55 27.03 6.45
N VAL C 112 1.58 26.54 5.77
CA VAL C 112 2.95 26.78 6.23
C VAL C 112 3.26 28.26 6.28
N SER C 113 2.85 28.99 5.25
CA SER C 113 3.12 30.40 5.24
C SER C 113 2.44 31.09 6.43
N LEU C 114 1.21 30.70 6.76
CA LEU C 114 0.55 31.21 7.96
C LEU C 114 1.44 31.00 9.18
N VAL C 115 1.94 29.76 9.35
CA VAL C 115 2.86 29.47 10.47
C VAL C 115 4.14 30.30 10.41
N LEU C 116 4.58 30.66 9.22
CA LEU C 116 5.86 31.36 9.07
C LEU C 116 5.79 32.80 9.54
N LYS C 117 4.66 33.46 9.34
CA LYS C 117 4.44 34.81 9.92
C LYS C 117 4.34 34.76 11.44
N TRP C 118 3.64 33.76 11.96
CA TRP C 118 3.52 33.59 13.40
C TRP C 118 4.90 33.65 14.08
N LEU C 119 5.74 32.70 13.71
CA LEU C 119 7.17 32.65 14.03
C LEU C 119 7.88 33.97 13.79
N LYS C 120 7.67 34.55 12.61
CA LYS C 120 8.23 35.85 12.26
C LYS C 120 7.80 36.98 13.22
N ASN C 121 6.57 36.90 13.76
CA ASN C 121 6.05 37.85 14.74
C ASN C 121 6.70 37.69 16.10
N ILE C 122 6.84 36.44 16.51
CA ILE C 122 7.50 36.12 17.77
C ILE C 122 8.99 36.50 17.71
N GLY C 123 9.56 36.60 16.51
CA GLY C 123 10.93 37.09 16.39
C GLY C 123 12.00 36.03 16.13
N TYR C 124 11.59 34.83 15.74
CA TYR C 124 12.58 33.85 15.29
C TYR C 124 13.26 34.36 14.02
N LYS C 125 14.54 34.02 13.86
CA LYS C 125 15.29 34.40 12.67
C LYS C 125 15.40 33.29 11.61
N LYS C 126 15.09 32.06 12.00
CA LYS C 126 15.26 30.91 11.10
C LYS C 126 14.17 29.88 11.38
N ALA C 127 14.01 28.96 10.44
CA ALA C 127 13.05 27.89 10.56
C ALA C 127 13.49 26.81 9.60
N HIS C 128 13.25 25.56 9.94
CA HIS C 128 13.66 24.46 9.07
C HIS C 128 12.58 23.42 8.98
N ALA C 129 12.67 22.61 7.93
CA ALA C 129 11.91 21.36 7.82
C ALA C 129 12.83 20.18 7.53
N ARG C 130 12.40 19.00 7.99
CA ARG C 130 13.04 17.73 7.70
C ARG C 130 12.20 16.96 6.69
N ILE C 131 12.75 16.63 5.53
CA ILE C 131 11.95 15.99 4.49
C ILE C 131 12.67 14.77 3.94
N LEU C 132 11.95 13.65 3.78
CA LEU C 132 12.57 12.47 3.15
C LEU C 132 12.79 12.78 1.68
N GLU C 133 13.83 12.22 1.09
CA GLU C 133 14.16 12.54 -0.30
C GLU C 133 13.08 12.10 -1.31
N ASN C 134 12.21 11.17 -0.91
CA ASN C 134 11.13 10.71 -1.79
C ASN C 134 9.89 11.63 -1.73
N ASN C 135 9.84 12.54 -0.75
CA ASN C 135 8.67 13.38 -0.58
C ASN C 135 8.73 14.62 -1.48
N ILE C 136 8.51 14.41 -2.77
CA ILE C 136 8.76 15.44 -3.76
C ILE C 136 7.82 16.64 -3.54
N ARG C 137 6.57 16.35 -3.20
CA ARG C 137 5.55 17.38 -2.96
C ARG C 137 5.96 18.29 -1.82
N SER C 138 6.53 17.73 -0.76
CA SER C 138 6.88 18.53 0.41
C SER C 138 8.08 19.39 0.10
N ILE C 139 9.02 18.83 -0.66
CA ILE C 139 10.25 19.54 -1.07
C ILE C 139 9.83 20.78 -1.82
N LYS C 140 8.92 20.58 -2.78
CA LYS C 140 8.44 21.67 -3.62
C LYS C 140 7.66 22.72 -2.84
N LEU C 141 6.84 22.25 -1.88
CA LEU C 141 6.11 23.14 -1.00
C LEU C 141 7.10 24.08 -0.31
N PHE C 142 8.19 23.53 0.24
CA PHE C 142 9.08 24.34 1.06
C PHE C 142 10.00 25.24 0.27
N GLU C 143 10.50 24.73 -0.86
CA GLU C 143 11.31 25.52 -1.76
C GLU C 143 10.55 26.72 -2.29
N SER C 144 9.26 26.54 -2.59
CA SER C 144 8.43 27.67 -3.03
C SER C 144 8.32 28.78 -1.98
N LEU C 145 8.51 28.44 -0.70
CA LEU C 145 8.51 29.44 0.37
C LEU C 145 9.91 30.00 0.70
N GLY C 146 10.87 29.68 -0.17
CA GLY C 146 12.26 30.07 0.04
C GLY C 146 13.02 29.23 1.05
N PHE C 147 12.60 27.98 1.29
CA PHE C 147 13.47 27.03 2.01
C PHE C 147 14.53 26.51 1.05
N LYS C 148 15.70 26.20 1.60
CA LYS C 148 16.81 25.72 0.78
C LYS C 148 17.40 24.50 1.51
N LYS C 149 17.59 23.41 0.76
CA LYS C 149 18.41 22.30 1.22
C LYS C 149 19.76 22.81 1.72
N THR C 150 20.08 22.53 2.99
CA THR C 150 21.34 22.96 3.59
C THR C 150 22.21 21.85 4.19
N LYS C 151 21.59 20.75 4.60
CA LYS C 151 22.22 19.81 5.53
C LYS C 151 21.57 18.45 5.43
N LYS C 152 22.35 17.38 5.58
CA LYS C 152 21.77 16.03 5.71
C LYS C 152 21.02 15.88 7.05
N GLY C 153 19.86 15.23 7.04
CA GLY C 153 19.17 14.94 8.29
C GLY C 153 19.65 13.58 8.75
N ARG C 154 18.70 12.76 9.20
CA ARG C 154 18.95 11.33 9.38
C ARG C 154 18.99 10.68 7.99
N GLU C 155 19.14 9.36 7.94
CA GLU C 155 19.34 8.71 6.64
C GLU C 155 18.16 8.92 5.69
N ASN C 156 18.47 9.32 4.45
CA ASN C 156 17.51 9.64 3.38
C ASN C 156 16.65 10.88 3.66
N GLU C 157 17.08 11.69 4.62
CA GLU C 157 16.31 12.81 5.04
C GLU C 157 17.19 14.05 4.88
N TRP C 158 16.55 15.17 4.50
CA TRP C 158 17.27 16.42 4.29
C TRP C 158 16.69 17.55 5.11
N ILE C 159 17.57 18.43 5.55
CA ILE C 159 17.17 19.63 6.27
C ILE C 159 17.12 20.79 5.30
N TYR C 160 15.92 21.37 5.22
CA TYR C 160 15.62 22.56 4.44
C TYR C 160 15.43 23.76 5.38
N GLU C 161 16.14 24.84 5.10
CA GLU C 161 16.13 26.00 6.00
C GLU C 161 15.65 27.29 5.35
N VAL C 162 15.06 28.17 6.14
CA VAL C 162 14.70 29.48 5.66
C VAL C 162 15.14 30.55 6.66
N ASN C 163 15.47 31.73 6.16
CA ASN C 163 15.63 32.89 7.00
C ASN C 163 14.31 33.65 7.06
N LEU C 164 13.76 33.80 8.24
CA LEU C 164 12.51 34.53 8.39
C LEU C 164 12.79 36.03 8.20
N ALA D 3 -27.83 6.16 23.47
CA ALA D 3 -26.68 5.50 22.79
C ALA D 3 -26.52 4.06 23.27
N ASN D 4 -26.65 3.11 22.35
CA ASN D 4 -26.45 1.69 22.70
C ASN D 4 -25.01 1.45 23.13
N CYS D 5 -24.86 0.69 24.21
CA CYS D 5 -23.55 0.38 24.76
C CYS D 5 -23.55 -0.96 25.49
N LYS D 6 -22.38 -1.57 25.62
CA LYS D 6 -22.15 -2.64 26.60
C LYS D 6 -20.67 -2.80 26.92
N LYS D 7 -20.39 -3.11 28.19
CA LYS D 7 -19.05 -3.38 28.69
C LYS D 7 -18.38 -4.53 27.95
N ILE D 8 -17.07 -4.44 27.77
CA ILE D 8 -16.25 -5.54 27.22
C ILE D 8 -15.05 -5.95 28.11
N GLY D 9 -13.82 -5.71 27.65
CA GLY D 9 -12.60 -6.15 28.32
C GLY D 9 -12.31 -5.53 29.68
N GLU D 10 -13.04 -6.00 30.70
CA GLU D 10 -12.92 -5.56 32.10
C GLU D 10 -13.12 -4.04 32.32
N ASP D 11 -14.37 -3.64 32.53
CA ASP D 11 -14.83 -2.23 32.63
C ASP D 11 -14.38 -1.29 31.49
N SER D 12 -13.88 -1.90 30.40
CA SER D 12 -13.83 -1.28 29.07
C SER D 12 -15.27 -1.33 28.54
N LYS D 13 -15.62 -0.41 27.64
CA LYS D 13 -17.02 -0.27 27.24
C LYS D 13 -17.18 0.22 25.79
N ILE D 14 -18.07 -0.44 25.06
CA ILE D 14 -18.39 -0.03 23.69
C ILE D 14 -19.73 0.68 23.68
N ILE D 15 -19.74 1.84 23.02
CA ILE D 15 -20.93 2.67 22.91
C ILE D 15 -21.13 2.97 21.42
N ILE D 16 -22.38 2.95 20.96
CA ILE D 16 -22.69 3.37 19.60
C ILE D 16 -23.61 4.60 19.59
N ARG D 17 -23.21 5.65 18.88
CA ARG D 17 -24.07 6.83 18.68
C ARG D 17 -24.20 7.21 17.20
N GLN D 18 -25.32 7.81 16.85
CA GLN D 18 -25.52 8.20 15.46
C GLN D 18 -24.47 9.23 15.02
N ILE D 19 -23.95 9.06 13.81
CA ILE D 19 -22.93 9.97 13.31
C ILE D 19 -23.56 11.34 13.06
N THR D 20 -22.69 12.34 13.02
CA THR D 20 -23.08 13.70 12.68
C THR D 20 -22.10 14.17 11.60
N ASP D 21 -22.41 15.31 10.99
CA ASP D 21 -21.56 15.89 9.95
C ASP D 21 -20.12 16.13 10.43
N ASN D 22 -19.96 16.35 11.74
CA ASN D 22 -18.64 16.54 12.34
C ASN D 22 -17.72 15.31 12.23
N ASP D 23 -18.32 14.13 12.11
CA ASP D 23 -17.61 12.87 11.95
C ASP D 23 -17.15 12.56 10.52
N LEU D 24 -17.53 13.40 9.55
CA LEU D 24 -17.38 13.03 8.14
C LEU D 24 -15.93 12.95 7.65
N GLU D 25 -15.07 13.86 8.12
CA GLU D 25 -13.65 13.77 7.75
C GLU D 25 -12.97 12.50 8.30
N LEU D 26 -13.39 12.06 9.49
CA LEU D 26 -12.84 10.87 10.13
C LEU D 26 -13.22 9.61 9.34
N LEU D 27 -14.50 9.54 9.00
CA LEU D 27 -15.05 8.44 8.28
C LEU D 27 -14.39 8.33 6.91
N MSE D 28 -14.17 9.48 6.28
CA MSE D 28 -13.52 9.49 5.01
C MSE D 28 -12.08 9.00 5.15
O MSE D 28 -11.62 8.20 4.33
CB MSE D 28 -13.58 10.88 4.40
CG MSE D 28 -12.89 10.93 3.04
SE MSE D 28 -13.14 12.59 2.11
CE MSE D 28 -12.21 13.75 3.34
N ALA D 29 -11.37 9.47 6.20
CA ALA D 29 -9.98 9.09 6.49
C ALA D 29 -9.80 7.60 6.70
N TRP D 30 -10.75 6.97 7.38
CA TRP D 30 -10.78 5.50 7.50
C TRP D 30 -11.02 4.82 6.15
N ARG D 31 -12.03 5.30 5.41
CA ARG D 31 -12.42 4.70 4.12
C ARG D 31 -11.44 5.04 2.99
N SER D 32 -10.54 5.99 3.25
CA SER D 32 -9.47 6.36 2.32
C SER D 32 -8.13 5.62 2.55
N ASN D 33 -8.11 4.68 3.50
CA ASN D 33 -6.91 3.90 3.79
C ASN D 33 -6.94 2.56 3.01
N PRO D 34 -5.92 2.31 2.14
CA PRO D 34 -5.89 1.11 1.30
C PRO D 34 -5.89 -0.15 2.14
N LEU D 35 -5.46 -0.02 3.39
CA LEU D 35 -5.39 -1.15 4.31
C LEU D 35 -6.80 -1.61 4.66
N ILE D 36 -7.75 -0.69 4.51
CA ILE D 36 -9.17 -0.96 4.73
C ILE D 36 -9.91 -1.20 3.39
N TYR D 37 -9.67 -0.34 2.39
CA TYR D 37 -10.50 -0.33 1.19
C TYR D 37 -10.18 -1.43 0.20
N LYS D 38 -9.11 -2.18 0.48
CA LYS D 38 -8.85 -3.47 -0.19
C LYS D 38 -9.94 -4.50 0.13
N PHE D 39 -10.78 -4.19 1.13
CA PHE D 39 -11.97 -5.02 1.40
C PHE D 39 -13.26 -4.45 0.80
N PHE D 40 -13.14 -3.29 0.15
CA PHE D 40 -14.28 -2.65 -0.50
C PHE D 40 -14.33 -2.96 -1.99
N TYR D 41 -15.50 -3.40 -2.41
CA TYR D 41 -15.80 -3.76 -3.77
C TYR D 41 -15.40 -2.61 -4.67
N ILE D 42 -14.57 -2.96 -5.64
CA ILE D 42 -13.99 -2.07 -6.65
C ILE D 42 -13.26 -0.77 -6.23
N GLN D 43 -13.18 -0.44 -4.94
CA GLN D 43 -12.38 0.75 -4.55
C GLN D 43 -10.89 0.56 -4.81
N LYS D 44 -10.27 1.52 -5.47
CA LYS D 44 -8.87 1.38 -5.87
C LYS D 44 -8.07 2.58 -5.43
N GLU D 45 -8.76 3.59 -4.92
CA GLU D 45 -8.19 4.89 -4.68
C GLU D 45 -8.80 5.45 -3.39
N PRO D 46 -8.12 6.42 -2.78
CA PRO D 46 -8.79 7.03 -1.66
C PRO D 46 -9.94 7.88 -2.17
N LEU D 47 -10.82 8.29 -1.25
CA LEU D 47 -12.03 9.05 -1.53
C LEU D 47 -11.77 10.53 -1.80
N LYS D 48 -12.71 11.18 -2.52
CA LYS D 48 -12.72 12.63 -2.75
C LYS D 48 -13.85 13.25 -1.95
N TRP D 49 -13.63 14.45 -1.40
CA TRP D 49 -14.65 15.08 -0.55
C TRP D 49 -16.05 15.13 -1.18
N GLU D 50 -16.09 15.58 -2.43
CA GLU D 50 -17.34 15.72 -3.18
C GLU D 50 -18.12 14.43 -3.27
N GLU D 51 -17.42 13.30 -3.49
CA GLU D 51 -18.10 12.00 -3.52
C GLU D 51 -18.58 11.62 -2.13
N HIS D 52 -17.70 11.79 -1.16
CA HIS D 52 -18.00 11.44 0.21
C HIS D 52 -19.16 12.27 0.73
N TYR D 53 -19.11 13.59 0.50
CA TYR D 53 -20.14 14.49 1.01
C TYR D 53 -21.48 14.19 0.35
N SER D 54 -21.44 13.83 -0.93
CA SER D 54 -22.64 13.56 -1.70
C SER D 54 -23.28 12.28 -1.19
N TRP D 55 -22.47 11.23 -0.99
CA TRP D 55 -22.94 10.05 -0.28
C TRP D 55 -23.76 10.47 0.96
N TRP D 56 -23.12 11.29 1.81
CA TRP D 56 -23.74 11.69 3.08
C TRP D 56 -25.09 12.40 2.92
N MSE D 57 -25.15 13.35 1.99
CA MSE D 57 -26.41 14.07 1.72
C MSE D 57 -27.50 13.26 1.01
O MSE D 57 -28.66 13.65 1.02
CB MSE D 57 -26.13 15.35 0.95
CG MSE D 57 -25.32 16.33 1.72
SE MSE D 57 -25.14 18.00 0.78
CE MSE D 57 -24.10 17.43 -0.80
N SER D 58 -27.11 12.12 0.43
CA SER D 58 -28.03 11.27 -0.33
C SER D 58 -28.67 10.11 0.45
N ARG D 59 -28.19 9.89 1.67
CA ARG D 59 -28.63 8.76 2.45
C ARG D 59 -30.15 8.63 2.52
N GLU D 60 -30.63 7.41 2.26
CA GLU D 60 -32.04 7.03 2.49
C GLU D 60 -32.06 5.60 3.04
N ASN D 61 -33.03 5.34 3.91
CA ASN D 61 -33.29 3.99 4.42
C ASN D 61 -32.14 3.39 5.19
N ARG D 62 -31.39 4.25 5.85
CA ARG D 62 -30.22 3.78 6.58
C ARG D 62 -29.98 4.51 7.89
N VAL D 63 -29.16 3.87 8.73
CA VAL D 63 -28.66 4.51 9.93
C VAL D 63 -27.16 4.27 9.92
N ASP D 64 -26.40 5.31 10.24
CA ASP D 64 -24.98 5.20 10.48
C ASP D 64 -24.65 5.59 11.94
N TRP D 65 -23.82 4.75 12.58
CA TRP D 65 -23.37 5.03 13.93
C TRP D 65 -21.85 5.08 13.96
N ILE D 66 -21.32 5.94 14.84
CA ILE D 66 -19.91 5.92 15.16
C ILE D 66 -19.78 5.01 16.38
N ILE D 67 -18.78 4.15 16.38
CA ILE D 67 -18.44 3.33 17.54
C ILE D 67 -17.45 4.06 18.45
N LEU D 68 -17.83 4.17 19.72
CA LEU D 68 -16.95 4.74 20.73
C LEU D 68 -16.42 3.67 21.68
N LEU D 69 -15.15 3.83 22.04
CA LEU D 69 -14.55 3.00 23.05
C LEU D 69 -14.18 3.85 24.27
N ARG D 70 -14.65 3.41 25.43
CA ARG D 70 -14.38 3.99 26.73
C ARG D 70 -13.42 3.17 27.57
N GLU D 71 -12.21 3.70 27.77
CA GLU D 71 -11.20 3.14 28.67
C GLU D 71 -10.67 4.28 29.55
N ASN D 72 -10.54 4.03 30.86
CA ASN D 72 -9.96 4.99 31.83
C ASN D 72 -10.66 6.34 31.83
N ASN D 73 -11.97 6.37 31.62
CA ASN D 73 -12.72 7.62 31.49
C ASN D 73 -12.36 8.42 30.22
N THR D 74 -11.74 7.76 29.26
CA THR D 74 -11.43 8.39 27.98
C THR D 74 -12.33 7.79 26.93
N ILE D 75 -13.03 8.63 26.18
CA ILE D 75 -13.87 8.17 25.08
C ILE D 75 -13.31 8.59 23.74
N ARG D 76 -13.10 7.62 22.85
CA ARG D 76 -12.61 7.90 21.52
C ARG D 76 -13.39 7.13 20.44
N LYS D 77 -13.38 7.69 19.23
CA LYS D 77 -14.11 7.17 18.09
C LYS D 77 -13.20 6.15 17.35
N VAL D 78 -13.64 4.90 17.27
CA VAL D 78 -12.76 3.82 16.79
C VAL D 78 -13.21 3.21 15.47
N GLY D 79 -14.49 3.41 15.14
CA GLY D 79 -15.06 2.84 13.93
C GLY D 79 -16.48 3.26 13.63
N SER D 80 -17.07 2.52 12.70
CA SER D 80 -18.40 2.84 12.23
C SER D 80 -19.15 1.57 11.95
N VAL D 81 -20.41 1.55 12.40
CA VAL D 81 -21.33 0.47 12.08
C VAL D 81 -22.60 1.10 11.48
N ASN D 82 -23.19 0.40 10.51
CA ASN D 82 -24.39 0.90 9.85
C ASN D 82 -25.29 -0.17 9.36
N VAL D 83 -26.54 0.23 9.15
CA VAL D 83 -27.50 -0.59 8.45
C VAL D 83 -28.19 0.25 7.39
N SER D 84 -28.39 -0.37 6.24
CA SER D 84 -29.08 0.28 5.14
C SER D 84 -30.15 -0.66 4.57
N GLN D 85 -31.01 -0.11 3.71
CA GLN D 85 -32.09 -0.85 3.06
C GLN D 85 -33.14 -1.29 4.09
N LEU D 86 -33.46 -0.36 4.99
CA LEU D 86 -34.43 -0.55 6.06
C LEU D 86 -35.85 -0.56 5.50
N ASN D 87 -35.97 -0.11 4.24
CA ASN D 87 -37.23 -0.15 3.54
C ASN D 87 -37.54 -1.55 3.04
N THR D 88 -36.55 -2.44 3.08
CA THR D 88 -36.76 -3.83 2.69
C THR D 88 -36.92 -4.81 3.87
N ASP D 89 -37.14 -6.06 3.48
CA ASP D 89 -37.23 -7.22 4.34
C ASP D 89 -35.96 -7.58 5.08
N ASN D 90 -34.82 -7.31 4.47
CA ASN D 90 -33.60 -7.96 4.86
C ASN D 90 -32.48 -6.93 4.94
N PRO D 91 -32.46 -6.13 6.02
CA PRO D 91 -31.50 -5.01 6.05
C PRO D 91 -30.07 -5.47 5.91
N GLU D 92 -29.24 -4.59 5.35
CA GLU D 92 -27.84 -4.88 5.18
C GLU D 92 -26.96 -4.18 6.22
N ILE D 93 -26.16 -4.98 6.92
CA ILE D 93 -25.29 -4.52 7.98
C ILE D 93 -23.87 -4.24 7.46
N GLY D 94 -23.33 -3.09 7.84
CA GLY D 94 -21.96 -2.71 7.48
C GLY D 94 -21.11 -2.39 8.69
N ILE D 95 -19.83 -2.77 8.67
CA ILE D 95 -18.95 -2.58 9.82
C ILE D 95 -17.55 -2.08 9.45
N LEU D 96 -17.04 -1.14 10.22
CA LEU D 96 -15.68 -0.64 9.98
C LEU D 96 -14.94 -0.26 11.26
N ILE D 97 -13.80 -0.87 11.50
CA ILE D 97 -12.97 -0.52 12.63
C ILE D 97 -11.74 0.21 12.10
N GLY D 98 -11.67 1.52 12.35
CA GLY D 98 -10.63 2.36 11.80
C GLY D 98 -9.27 2.23 12.47
N GLU D 99 -9.23 1.82 13.75
CA GLU D 99 -7.96 1.50 14.42
C GLU D 99 -7.48 0.08 14.15
N PHE D 100 -6.29 -0.01 13.53
CA PHE D 100 -5.75 -1.26 13.05
C PHE D 100 -5.36 -2.26 14.10
N PHE D 101 -4.86 -1.79 15.22
CA PHE D 101 -4.42 -2.72 16.23
C PHE D 101 -5.53 -3.11 17.22
N LEU D 102 -6.76 -2.70 16.91
CA LEU D 102 -7.92 -3.16 17.66
C LEU D 102 -8.51 -4.37 17.00
N TRP D 103 -8.19 -4.58 15.72
CA TRP D 103 -8.74 -5.72 14.97
C TRP D 103 -8.40 -7.00 15.73
N GLY D 104 -9.40 -7.85 15.94
CA GLY D 104 -9.19 -9.09 16.65
C GLY D 104 -9.62 -9.03 18.10
N LYS D 105 -10.10 -7.87 18.54
CA LYS D 105 -10.49 -7.69 19.95
C LYS D 105 -11.99 -7.68 20.15
N HIS D 106 -12.71 -8.21 19.16
CA HIS D 106 -14.18 -8.37 19.20
C HIS D 106 -15.02 -7.09 19.29
N ILE D 107 -14.43 -5.93 19.06
CA ILE D 107 -15.19 -4.68 19.04
C ILE D 107 -16.17 -4.68 17.87
N GLY D 108 -15.69 -5.12 16.71
CA GLY D 108 -16.56 -5.22 15.54
C GLY D 108 -17.78 -6.08 15.81
N ARG D 109 -17.55 -7.28 16.31
CA ARG D 109 -18.59 -8.24 16.67
C ARG D 109 -19.65 -7.65 17.63
N HIS D 110 -19.18 -6.96 18.67
CA HIS D 110 -20.07 -6.42 19.67
C HIS D 110 -20.91 -5.25 19.16
N SER D 111 -20.30 -4.41 18.32
CA SER D 111 -21.01 -3.28 17.72
C SER D 111 -22.16 -3.79 16.82
N VAL D 112 -21.88 -4.82 16.02
CA VAL D 112 -22.87 -5.43 15.18
C VAL D 112 -24.06 -6.02 15.97
N SER D 113 -23.80 -6.67 17.10
CA SER D 113 -24.90 -7.28 17.83
C SER D 113 -25.80 -6.19 18.44
N LEU D 114 -25.25 -5.02 18.73
CA LEU D 114 -26.06 -3.92 19.22
C LEU D 114 -27.11 -3.58 18.17
N VAL D 115 -26.63 -3.47 16.93
CA VAL D 115 -27.47 -3.28 15.75
C VAL D 115 -28.49 -4.40 15.54
N LEU D 116 -28.04 -5.65 15.58
CA LEU D 116 -28.96 -6.79 15.51
C LEU D 116 -30.05 -6.72 16.58
N LYS D 117 -29.62 -6.35 17.80
CA LYS D 117 -30.50 -6.20 18.94
C LYS D 117 -31.58 -5.13 18.63
N TRP D 118 -31.13 -4.00 18.08
CA TRP D 118 -31.98 -2.88 17.68
C TRP D 118 -33.00 -3.26 16.60
N LEU D 119 -32.51 -3.87 15.51
CA LEU D 119 -33.36 -4.35 14.43
C LEU D 119 -34.38 -5.36 14.87
N LYS D 120 -33.95 -6.32 15.70
CA LYS D 120 -34.87 -7.33 16.24
C LYS D 120 -36.00 -6.65 17.01
N ASN D 121 -35.65 -5.64 17.78
CA ASN D 121 -36.63 -4.96 18.62
C ASN D 121 -37.55 -4.04 17.86
N ILE D 122 -37.11 -3.54 16.72
CA ILE D 122 -38.05 -2.79 15.91
C ILE D 122 -38.94 -3.70 15.04
N GLY D 123 -38.51 -4.93 14.80
CA GLY D 123 -39.38 -5.91 14.13
C GLY D 123 -38.85 -6.74 12.97
N TYR D 124 -37.64 -6.45 12.51
CA TYR D 124 -37.02 -7.24 11.44
C TYR D 124 -36.77 -8.68 11.88
N LYS D 125 -36.98 -9.61 10.96
CA LYS D 125 -36.71 -11.02 11.22
C LYS D 125 -35.39 -11.52 10.63
N LYS D 126 -34.77 -10.75 9.73
CA LYS D 126 -33.58 -11.21 9.01
C LYS D 126 -32.67 -10.02 8.82
N ALA D 127 -31.38 -10.28 8.61
CA ALA D 127 -30.46 -9.26 8.15
C ALA D 127 -29.31 -9.94 7.43
N HIS D 128 -28.51 -9.16 6.71
CA HIS D 128 -27.45 -9.73 5.90
C HIS D 128 -26.23 -8.84 5.81
N ALA D 129 -25.13 -9.42 5.36
CA ALA D 129 -23.92 -8.64 5.08
C ALA D 129 -23.35 -9.08 3.74
N ARG D 130 -22.74 -8.14 3.03
CA ARG D 130 -22.01 -8.50 1.83
C ARG D 130 -20.54 -8.26 2.05
N ILE D 131 -19.78 -9.34 1.84
CA ILE D 131 -18.38 -9.38 2.21
C ILE D 131 -17.56 -9.86 1.03
N LEU D 132 -16.49 -9.12 0.70
CA LEU D 132 -15.54 -9.61 -0.27
C LEU D 132 -14.85 -10.86 0.25
N GLU D 133 -14.53 -11.75 -0.68
CA GLU D 133 -13.93 -13.03 -0.40
C GLU D 133 -12.53 -12.97 0.23
N ASN D 134 -11.82 -11.85 0.07
CA ASN D 134 -10.50 -11.72 0.69
C ASN D 134 -10.58 -11.19 2.13
N ASN D 135 -11.79 -10.94 2.63
CA ASN D 135 -11.97 -10.28 3.93
C ASN D 135 -12.25 -11.28 5.04
N ILE D 136 -11.20 -12.01 5.43
CA ILE D 136 -11.39 -13.14 6.35
C ILE D 136 -11.90 -12.66 7.70
N ARG D 137 -11.30 -11.60 8.25
CA ARG D 137 -11.74 -11.06 9.54
C ARG D 137 -13.24 -10.80 9.55
N SER D 138 -13.73 -10.15 8.51
CA SER D 138 -15.15 -9.89 8.45
C SER D 138 -15.98 -11.17 8.31
N ILE D 139 -15.47 -12.12 7.53
CA ILE D 139 -16.16 -13.40 7.38
C ILE D 139 -16.33 -14.00 8.79
N LYS D 140 -15.22 -14.19 9.48
CA LYS D 140 -15.23 -14.68 10.85
C LYS D 140 -16.15 -13.92 11.79
N LEU D 141 -16.15 -12.59 11.67
CA LEU D 141 -16.99 -11.73 12.49
C LEU D 141 -18.45 -12.14 12.37
N PHE D 142 -18.96 -12.09 11.14
CA PHE D 142 -20.37 -12.35 10.92
C PHE D 142 -20.71 -13.80 11.20
N GLU D 143 -19.77 -14.69 10.86
CA GLU D 143 -19.98 -16.08 11.13
C GLU D 143 -20.11 -16.35 12.64
N SER D 144 -19.32 -15.65 13.45
CA SER D 144 -19.43 -15.82 14.89
C SER D 144 -20.77 -15.31 15.49
N LEU D 145 -21.60 -14.66 14.69
CA LEU D 145 -22.90 -14.19 15.15
C LEU D 145 -24.03 -14.97 14.50
N GLY D 146 -23.69 -16.03 13.78
CA GLY D 146 -24.70 -16.86 13.15
C GLY D 146 -25.09 -16.53 11.72
N PHE D 147 -24.35 -15.62 11.09
CA PHE D 147 -24.53 -15.36 9.65
C PHE D 147 -23.96 -16.54 8.88
N LYS D 148 -24.74 -17.06 7.93
CA LYS D 148 -24.27 -18.11 7.03
C LYS D 148 -24.19 -17.59 5.61
N LYS D 149 -23.21 -18.07 4.84
CA LYS D 149 -23.08 -17.70 3.42
C LYS D 149 -24.25 -18.29 2.64
N THR D 150 -25.01 -17.44 1.96
CA THR D 150 -26.22 -17.89 1.26
C THR D 150 -26.15 -17.75 -0.25
N LYS D 151 -25.73 -16.61 -0.77
CA LYS D 151 -25.64 -16.48 -2.23
C LYS D 151 -24.53 -15.59 -2.73
N LYS D 152 -24.26 -15.69 -4.03
CA LYS D 152 -23.30 -14.84 -4.72
C LYS D 152 -23.76 -13.39 -4.64
N GLY D 153 -22.84 -12.49 -4.33
CA GLY D 153 -23.13 -11.06 -4.36
C GLY D 153 -22.66 -10.54 -5.70
N ARG D 154 -21.72 -9.61 -5.68
CA ARG D 154 -21.06 -9.20 -6.91
C ARG D 154 -19.79 -9.99 -7.12
N GLU D 155 -18.98 -9.59 -8.09
CA GLU D 155 -18.06 -10.52 -8.71
C GLU D 155 -17.29 -11.48 -7.77
N ASN D 156 -16.61 -10.96 -6.75
CA ASN D 156 -15.94 -11.80 -5.73
C ASN D 156 -16.59 -11.60 -4.36
N GLU D 157 -17.87 -11.24 -4.38
CA GLU D 157 -18.58 -10.80 -3.20
C GLU D 157 -19.57 -11.89 -2.78
N TRP D 158 -19.73 -12.07 -1.48
CA TRP D 158 -20.66 -13.06 -0.98
C TRP D 158 -21.66 -12.47 0.00
N ILE D 159 -22.88 -12.99 -0.02
CA ILE D 159 -23.96 -12.54 0.87
C ILE D 159 -24.11 -13.49 2.06
N TYR D 160 -23.93 -12.95 3.27
CA TYR D 160 -24.11 -13.71 4.50
C TYR D 160 -25.39 -13.26 5.18
N GLU D 161 -26.22 -14.23 5.55
CA GLU D 161 -27.54 -13.95 6.11
C GLU D 161 -27.71 -14.51 7.51
N VAL D 162 -28.53 -13.85 8.32
CA VAL D 162 -28.84 -14.26 9.69
C VAL D 162 -30.35 -14.14 9.97
N ASN D 163 -30.89 -14.98 10.82
CA ASN D 163 -32.27 -14.78 11.27
C ASN D 163 -32.24 -14.14 12.65
N LEU D 164 -33.07 -13.11 12.84
CA LEU D 164 -33.13 -12.37 14.09
C LEU D 164 -33.99 -13.05 15.16
O1 MES E . -0.64 0.61 -16.11
C2 MES E . 0.22 0.06 -17.11
C3 MES E . 0.90 1.13 -17.97
N4 MES E . 1.49 2.13 -17.08
C5 MES E . 1.35 2.02 -15.62
C6 MES E . -0.10 1.69 -15.31
C7 MES E . 2.19 3.28 -17.64
C8 MES E . 3.41 2.81 -18.45
S MES E . 4.12 4.16 -19.14
O1S MES E . 4.43 5.07 -18.02
O2S MES E . 5.35 3.86 -19.90
O3S MES E . 3.15 4.83 -20.04
O1 MES F . -4.06 -0.63 -19.26
C2 MES F . -2.81 -1.03 -18.73
C3 MES F . -2.93 -2.48 -18.26
N4 MES F . -3.51 -3.28 -19.36
C5 MES F . -4.58 -2.78 -20.21
C6 MES F . -4.33 -1.30 -20.50
C7 MES F . -3.09 -4.66 -19.61
C8 MES F . -2.09 -5.14 -18.55
S MES F . -2.36 -6.74 -18.16
O1S MES F . -3.59 -6.82 -17.34
O2S MES F . -2.50 -7.55 -19.40
O3S MES F . -1.24 -7.30 -17.35
C1 PG6 G . -4.79 -19.44 -34.02
O1 PG6 G . -4.60 -18.03 -33.83
C2 PG6 G . -5.75 -17.24 -34.21
C3 PG6 G . -5.40 -16.58 -35.53
O2 PG6 G . -6.56 -16.16 -36.23
C4 PG6 G . -6.46 -16.24 -37.67
C5 PG6 G . -5.20 -15.56 -38.21
O3 PG6 G . -5.55 -14.28 -38.70
C6 PG6 G . -4.50 -13.60 -39.37
C7 PG6 G . -4.76 -12.11 -39.32
O4 PG6 G . -6.08 -11.86 -39.78
C8 PG6 G . -6.67 -10.69 -39.22
C9 PG6 G . -8.08 -10.48 -39.77
O5 PG6 G . -9.18 -11.12 -39.07
C10 PG6 G . -9.06 -11.64 -37.73
C11 PG6 G . -8.92 -13.18 -37.67
O6 PG6 G . -10.16 -13.89 -37.54
C12 PG6 G . -10.15 -15.15 -38.23
O1 MES H . 10.52 -11.13 5.52
C2 MES H . 11.07 -12.29 4.87
C3 MES H . 10.49 -13.57 5.49
N4 MES H . 9.04 -13.40 5.54
C5 MES H . 8.43 -12.16 6.03
C6 MES H . 9.12 -11.00 5.31
C7 MES H . 8.13 -14.47 5.17
C8 MES H . 8.97 -15.71 4.87
S MES H . 8.30 -17.09 5.51
O1S MES H . 9.01 -17.41 6.75
O2S MES H . 6.85 -16.96 5.76
O3S MES H . 8.59 -18.21 4.59
O1 MES I . 14.60 -10.35 7.99
C2 MES I . 13.98 -10.82 6.79
C3 MES I . 14.57 -10.07 5.60
N4 MES I . 16.01 -10.26 5.69
C5 MES I . 16.63 -11.05 6.74
C6 MES I . 16.01 -10.67 8.08
C7 MES I . 16.87 -9.62 4.71
C8 MES I . 16.29 -9.99 3.34
S MES I . 17.07 -9.18 2.11
O1S MES I . 16.53 -9.57 0.79
O2S MES I . 16.87 -7.72 2.30
O3S MES I . 18.52 -9.49 2.15
C1 EDO J . 35.56 -18.70 8.80
O1 EDO J . 36.12 -18.10 9.97
C2 EDO J . 36.59 -19.62 8.15
O2 EDO J . 36.83 -19.18 6.81
O1 MES K . 3.68 15.36 2.83
C2 MES K . 3.50 14.65 1.60
C3 MES K . 2.27 15.17 0.83
N4 MES K . 2.01 16.60 1.06
C5 MES K . 2.61 17.40 2.13
C6 MES K . 3.91 16.74 2.58
C7 MES K . 1.09 17.24 0.12
C8 MES K . 0.98 18.72 0.51
S MES K . 0.46 19.72 -0.72
O1S MES K . -0.65 20.60 -0.24
O2S MES K . 1.58 20.65 -1.06
O3S MES K . 0.04 18.95 -1.91
O1 MES L . 7.65 16.73 5.47
C2 MES L . 7.97 17.84 6.31
C3 MES L . 6.90 18.07 7.37
N4 MES L . 6.23 16.79 7.62
C5 MES L . 5.63 16.01 6.54
C6 MES L . 6.24 16.57 5.26
C7 MES L . 6.18 16.28 8.98
C8 MES L . 4.70 16.15 9.32
S MES L . 4.46 15.37 10.79
O1S MES L . 4.72 16.36 11.87
O2S MES L . 3.05 14.89 10.83
O3S MES L . 5.38 14.21 10.90
C1 EDO M . 2.19 10.67 16.23
O1 EDO M . 0.87 10.41 16.72
C2 EDO M . 3.23 9.92 17.07
O2 EDO M . 3.88 8.95 16.23
O1 MES N . -13.67 -5.11 7.48
C2 MES N . -12.25 -5.23 7.59
C3 MES N . -11.77 -6.00 8.83
N4 MES N . -12.59 -5.69 10.01
C5 MES N . -14.00 -5.35 9.87
C6 MES N . -14.39 -5.85 8.48
C7 MES N . -11.95 -5.76 11.33
C8 MES N . -13.03 -5.68 12.43
S MES N . -12.72 -6.74 13.69
O1S MES N . -13.41 -8.02 13.44
O2S MES N . -11.26 -6.99 13.79
O3S MES N . -13.25 -6.20 14.97
O1 MES O . -17.79 -6.17 5.22
C2 MES O . -19.19 -6.04 5.41
C3 MES O . -19.61 -4.66 5.92
N4 MES O . -18.66 -3.66 5.47
C5 MES O . -17.21 -3.88 5.56
C6 MES O . -17.02 -5.31 6.05
C7 MES O . -19.19 -2.40 4.91
C8 MES O . -18.30 -1.23 5.36
S MES O . -18.83 0.21 4.70
O1S MES O . -17.99 1.34 5.18
O2S MES O . -18.72 0.16 3.22
O3S MES O . -20.24 0.44 5.12
C1 EDO P . -7.45 10.83 4.03
O1 EDO P . -6.68 10.10 4.98
C2 EDO P . -8.91 10.57 4.28
O2 EDO P . -9.67 11.68 3.84
#